data_7EY0
#
_entry.id   7EY0
#
_cell.length_a   1.00
_cell.length_b   1.00
_cell.length_c   1.00
_cell.angle_alpha   90.00
_cell.angle_beta   90.00
_cell.angle_gamma   90.00
#
_symmetry.space_group_name_H-M   'P 1'
#
loop_
_entity.id
_entity.type
_entity.pdbx_description
1 polymer BD-744H
2 polymer BD-813H
3 polymer BD-813L
4 polymer 'Spike glycoprotein'
5 polymer BD-744L
#
loop_
_entity_poly.entity_id
_entity_poly.type
_entity_poly.pdbx_seq_one_letter_code
_entity_poly.pdbx_strand_id
1 'polypeptide(L)'
;EVQLVESGGGLVQPGRSLRLSCAASGFTFDDYAMHWVRQAPGKGLEWVSGASWNSGTIGYADSVKGRFIIIRDNAKNSLY
LQMNSLRSEDTASYYCAKDFSRDGDAFDIWGQGTMVTVSSASTKGPSVFPLAPSSKSTSGGTAALGCLVKDYFPEPVTVS
WNSGALTSGVHTFPAVLQSSGLYSLSSVVTVPSSSLGTQTYICNVNHKPSNTKVDKKVEPKSCDK
;
A
2 'polypeptide(L)'
;QVQLVESGGGLVQPGGSLRLSCAASEFIVSANYMSWVRQAPGKGLEWVSVIYSGGSTFYADSVKGRFTISRDNSKNTLYL
QMNSLRVEDTAVYFCARFLPTYDYFDYWGQGTLVTVSSASTKGPSVFPLAPSSKSTSGGTAALGCLVKDYFPEPVTVSWN
SGALTSGVHTFPAVLQSSGLYSLSSVVTVPSSSLGTQTYICNVNHKPSNTKVDKKVEPKSCDK
;
H
3 'polypeptide(L)'
;DIQMTQSPSSLSASVGDRVTITCRTSQSISTYLHWYQQKPGKAPKLLIYAASSLHSGVPSRFSGSGSGTHFVLTINGLQP
EDFATYYCQHTDTTPLTFFGGGTKVEIKRTVAAPSVFIFPPSDEQLKSGTASVVCLLNNFYPREAKVQWKVDNALQSGNS
QESVTEQDSKDSTYSLSSTLTLSKADYEKHKVYACEVTHQGLSSPVTKSFNRGEC
;
L
4 'polypeptide(L)'
;MFVFLVLLPLVSSQCVNFTTRTQLPPAYTNSFTRGVYYPDKVFRSSVLHSTQDLFLPFFSNVTWFHAIHVSGTNGTKRFA
NPVLPFNDGVYFASTEKSNIIRGWIFGTTLDSKTQSLLIVNNATNVVIKVCEFQFCNDPFLGVYYHKNNKSWMESEFRVY
SSANNCTFEYVSQPFLMDLEGKQGNFKNLREFVFKNIDGYFKIYSKHTPINLVRGLPQGFSALEPLVDLPIGINITRFQT
LHRSYLTPGDSSSGWTAGAAAYYVGYLQPRTFLLKYNENGTITDAVDCALDPLSETKCTLKSFTVEKGIYQTSNFRVQPT
ESIVRFPNITNLCPFGEVFNATRFASVYAWNRKRISNCVADYSVLYNSASFSTFKCYGVSPTKLNDLCFTNVYADSFVIR
GDEVRQIAPGQTGNIADYNYKLPDDFTGCVIAWNSNNLDSKVGGNYNYLYRLFRKSNLKPFERDISTEIYQAGSTPCNGV
KGFNCYFPLQSYGFQPTYGVGYQPYRVVVLSFELLHAPATVCGPKKSTNLVKNKCVNFNFNGLTGTGVLTESNKKFLPFQ
QFGRDIADTTDAVRDPQTLEILDITPCSFGGVSVITPGTNTSNQVAVLYQGVNCTEVPVAIHADQLTPTWRVYSTGSNVF
QTRAGCLIGAEHVNNSYECDIPIGAGICASYQTQTNSPGSASSVASQSIIAYTMSLGVENSVAYSNNSIAIPTNFTISVT
TEILPVSMTKTSVDCTMYICGDSTECSNLLLQYGSFCTQLNRALTGIAVEQDKNTQEVFAQVKQIYKTPPIKDFGGFNFS
QILPDPSKPSKRSPIEDLLFNKVTLADAGFIKQYGDCLGDIAARDLICAQKFNGLTVLPPLLTDEMIAQYTSALLAGTIT
SGWTFGAGPALQIPFPMQMAYRFNGIGVTQNVLYENQKLIANQFNSAIGKIQDSLSSTPSALGKLQDVVNQNAQALNTLV
KQLSSNFGAISSVLNDILSRLDPPEAEVQIDRLITGRLQSLQTYVTQQLIRAAEIRASANLAATKMSECVLGQSKRVDFC
GKGYHLMSFPQSAPHGVVFLHVTYVPAQEKNFTTAPAICHDGKAHFPREGVFVSNGTHWFVTQRNFYEPQIITTDNTFVS
GNCDVVIGIVNNTVYDPLQPELDSFKEELDKYFKNHTSPDVDLGDISGINASVVNIQKEIDRLNEVAKNLNESLIDLQEL
GKYEQGSGYIPEAPRDGQAYVRKDGEWVLLSTFLGRSLEVLFQGPGHHHHHHHHSAWSHPQFEKGGGSGGGGSGGSAWSH
PQFEK
;
R,N
5 'polypeptide(L)'
;YVLPQPPSVSVAPGKTARITCGGNNIEHKSVHWYQQKPRQAPVVVMYYDSDRPSGIPERFSGSNSGNTATLIISRVEAGD
EAEYYCQVWDRSSDQPVFGGGTKLTVLGQPKAAPSVTLFPPSSEELQANKATLVCLISDFYPGAVTVAWKADSSPVKAGV
ETTTPSKQSNNKYAASSYLSLTPEQWKSHRSYSCQVTHEGSTVEKTVAPTECS
;
B
#
# COMPACT_ATOMS: atom_id res chain seq x y z
N VAL A 2 23.91 11.85 -1.12
CA VAL A 2 22.96 10.79 -0.82
C VAL A 2 23.31 10.13 0.51
N GLN A 3 22.28 9.72 1.26
CA GLN A 3 22.52 8.97 2.48
C GLN A 3 21.36 8.02 2.71
N LEU A 4 21.63 6.97 3.48
CA LEU A 4 20.59 6.09 4.01
C LEU A 4 20.88 5.87 5.48
N VAL A 5 19.84 5.93 6.31
CA VAL A 5 19.98 5.74 7.75
C VAL A 5 19.05 4.62 8.18
N GLU A 6 19.55 3.72 9.00
CA GLU A 6 18.77 2.64 9.57
C GLU A 6 18.45 2.94 11.03
N SER A 7 17.55 2.14 11.59
CA SER A 7 17.18 2.28 12.99
C SER A 7 16.50 0.99 13.42
N GLY A 8 15.88 1.01 14.61
CA GLY A 8 15.16 -0.13 15.12
C GLY A 8 16.03 -1.25 15.65
N GLY A 9 17.28 -1.35 15.21
CA GLY A 9 18.11 -2.45 15.64
C GLY A 9 18.37 -2.42 17.13
N GLY A 10 18.42 -3.62 17.72
CA GLY A 10 18.64 -3.74 19.15
C GLY A 10 18.44 -5.17 19.58
N LEU A 11 18.84 -5.43 20.83
CA LEU A 11 18.69 -6.77 21.38
C LEU A 11 17.22 -7.16 21.42
N VAL A 12 16.91 -8.33 20.89
CA VAL A 12 15.54 -8.83 20.80
C VAL A 12 15.52 -10.27 21.28
N GLN A 13 14.58 -10.59 22.17
CA GLN A 13 14.40 -11.97 22.58
C GLN A 13 13.91 -12.81 21.41
N PRO A 14 14.31 -14.07 21.34
CA PRO A 14 13.81 -14.94 20.27
C PRO A 14 12.30 -15.06 20.31
N GLY A 15 11.70 -15.20 19.13
CA GLY A 15 10.25 -15.29 19.05
C GLY A 15 9.53 -13.98 19.21
N ARG A 16 10.24 -12.86 19.23
CA ARG A 16 9.65 -11.55 19.40
C ARG A 16 9.79 -10.74 18.11
N SER A 17 8.89 -9.78 17.93
CA SER A 17 8.84 -8.97 16.73
C SER A 17 9.83 -7.82 16.80
N LEU A 18 10.09 -7.22 15.65
CA LEU A 18 11.05 -6.12 15.53
C LEU A 18 10.88 -5.48 14.16
N ARG A 19 10.96 -4.15 14.11
CA ARG A 19 10.70 -3.42 12.88
C ARG A 19 11.86 -2.49 12.58
N LEU A 20 12.43 -2.63 11.39
CA LEU A 20 13.56 -1.84 10.95
C LEU A 20 13.08 -0.65 10.15
N SER A 21 14.04 0.20 9.76
CA SER A 21 13.72 1.42 9.03
C SER A 21 14.89 1.81 8.15
N CYS A 22 14.59 2.60 7.12
CA CYS A 22 15.61 3.06 6.17
C CYS A 22 15.07 4.32 5.52
N ALA A 23 15.55 5.48 5.99
CA ALA A 23 15.13 6.76 5.44
C ALA A 23 16.14 7.24 4.42
N ALA A 24 15.63 7.75 3.30
CA ALA A 24 16.46 8.22 2.20
C ALA A 24 16.11 9.66 1.86
N SER A 25 17.14 10.46 1.57
CA SER A 25 16.92 11.87 1.28
C SER A 25 17.67 12.39 0.07
N GLY A 26 18.60 11.65 -0.51
CA GLY A 26 19.46 12.19 -1.54
C GLY A 26 18.98 11.99 -2.97
N PHE A 27 17.75 11.55 -3.19
CA PHE A 27 17.31 11.21 -4.53
C PHE A 27 15.80 11.04 -4.51
N THR A 28 15.22 10.95 -5.70
CA THR A 28 13.80 10.64 -5.84
C THR A 28 13.57 9.22 -5.34
N PHE A 29 12.91 9.09 -4.19
CA PHE A 29 12.70 7.78 -3.58
C PHE A 29 11.90 6.87 -4.50
N ASP A 30 10.83 7.39 -5.09
CA ASP A 30 9.94 6.56 -5.89
C ASP A 30 10.40 6.44 -7.33
N ASP A 31 11.69 6.19 -7.53
CA ASP A 31 12.22 5.87 -8.84
C ASP A 31 13.17 4.70 -8.84
N TYR A 32 13.76 4.36 -7.69
CA TYR A 32 14.74 3.29 -7.56
C TYR A 32 14.18 2.26 -6.59
N ALA A 33 14.42 0.99 -6.89
CA ALA A 33 14.02 -0.03 -5.94
C ALA A 33 14.85 0.07 -4.68
N MET A 34 14.39 -0.59 -3.63
CA MET A 34 15.12 -0.65 -2.38
C MET A 34 15.20 -2.09 -1.93
N HIS A 35 16.11 -2.36 -0.99
CA HIS A 35 16.36 -3.73 -0.60
C HIS A 35 16.69 -3.77 0.89
N TRP A 36 16.89 -4.99 1.38
CA TRP A 36 17.37 -5.21 2.74
C TRP A 36 18.38 -6.34 2.67
N VAL A 37 19.66 -6.00 2.78
CA VAL A 37 20.74 -6.95 2.62
C VAL A 37 21.40 -7.14 3.97
N ARG A 38 21.45 -8.38 4.44
CA ARG A 38 21.94 -8.69 5.77
C ARG A 38 23.18 -9.56 5.68
N GLN A 39 24.08 -9.36 6.64
CA GLN A 39 25.38 -10.04 6.65
C GLN A 39 25.60 -10.63 8.04
N ALA A 40 25.43 -11.94 8.15
CA ALA A 40 25.67 -12.59 9.43
C ALA A 40 27.15 -12.50 9.79
N PRO A 41 27.47 -12.21 11.06
CA PRO A 41 28.87 -12.09 11.44
C PRO A 41 29.64 -13.38 11.18
N GLY A 42 30.85 -13.24 10.65
CA GLY A 42 31.62 -14.37 10.21
C GLY A 42 31.21 -14.94 8.87
N LYS A 43 30.22 -14.33 8.22
CA LYS A 43 29.70 -14.80 6.94
C LYS A 43 29.63 -13.63 5.98
N GLY A 44 29.48 -13.94 4.69
CA GLY A 44 29.42 -12.93 3.66
C GLY A 44 28.09 -12.22 3.64
N LEU A 45 27.63 -11.89 2.44
CA LEU A 45 26.40 -11.14 2.26
C LEU A 45 25.24 -12.06 1.94
N GLU A 46 24.06 -11.66 2.35
CA GLU A 46 22.82 -12.39 2.10
C GLU A 46 21.75 -11.38 1.74
N TRP A 47 20.75 -11.84 1.01
CA TRP A 47 19.65 -11.00 0.58
C TRP A 47 18.43 -11.35 1.40
N VAL A 48 17.76 -10.34 1.95
CA VAL A 48 16.56 -10.61 2.72
C VAL A 48 15.34 -10.34 1.87
N SER A 49 15.14 -9.08 1.48
CA SER A 49 13.92 -8.73 0.77
C SER A 49 14.21 -7.56 -0.14
N GLY A 50 13.16 -6.91 -0.61
CA GLY A 50 13.35 -5.72 -1.43
C GLY A 50 12.11 -5.31 -2.19
N ALA A 51 11.82 -4.02 -2.17
CA ALA A 51 10.63 -3.48 -2.81
C ALA A 51 10.99 -3.05 -4.24
N SER A 52 10.08 -2.31 -4.87
CA SER A 52 10.29 -1.78 -6.20
C SER A 52 9.91 -0.30 -6.19
N TRP A 53 9.99 0.34 -7.36
CA TRP A 53 9.99 1.80 -7.39
C TRP A 53 8.72 2.40 -6.81
N ASN A 54 7.58 2.20 -7.47
CA ASN A 54 6.29 2.54 -6.90
C ASN A 54 5.48 1.26 -6.84
N SER A 55 6.08 0.21 -6.30
CA SER A 55 5.55 -1.11 -6.52
C SER A 55 5.86 -1.96 -5.29
N GLY A 56 5.82 -3.28 -5.47
CA GLY A 56 5.72 -4.20 -4.38
C GLY A 56 6.92 -5.12 -4.24
N THR A 57 6.72 -6.16 -3.44
CA THR A 57 7.82 -6.88 -2.82
C THR A 57 8.29 -8.00 -3.72
N ILE A 58 9.41 -7.79 -4.39
CA ILE A 58 10.22 -8.90 -4.90
C ILE A 58 11.17 -9.24 -3.76
N GLY A 59 10.77 -10.16 -2.91
CA GLY A 59 11.54 -10.39 -1.71
C GLY A 59 11.30 -11.72 -1.07
N TYR A 60 11.61 -11.78 0.23
CA TYR A 60 11.47 -13.00 1.02
C TYR A 60 12.30 -14.13 0.40
N ALA A 61 13.60 -13.95 0.49
CA ALA A 61 14.52 -14.68 -0.35
C ALA A 61 14.44 -16.19 -0.22
N ASP A 62 14.92 -16.75 0.87
CA ASP A 62 14.86 -18.20 0.96
C ASP A 62 14.41 -18.70 2.32
N SER A 63 14.83 -18.06 3.39
CA SER A 63 14.52 -18.50 4.74
C SER A 63 13.59 -17.54 5.46
N VAL A 64 13.32 -16.38 4.89
CA VAL A 64 12.49 -15.38 5.53
C VAL A 64 11.10 -15.34 4.89
N LYS A 65 10.75 -16.37 4.13
CA LYS A 65 9.41 -16.44 3.55
C LYS A 65 8.40 -16.67 4.65
N GLY A 66 7.35 -15.85 4.68
CA GLY A 66 6.32 -16.00 5.67
C GLY A 66 6.69 -15.52 7.05
N ARG A 67 7.88 -14.92 7.22
CA ARG A 67 8.30 -14.37 8.49
C ARG A 67 8.53 -12.86 8.41
N PHE A 68 9.37 -12.41 7.49
CA PHE A 68 9.62 -11.00 7.33
C PHE A 68 8.64 -10.40 6.34
N ILE A 69 8.38 -9.11 6.49
CA ILE A 69 7.45 -8.38 5.64
C ILE A 69 8.07 -7.02 5.37
N ILE A 70 8.60 -6.83 4.17
CA ILE A 70 9.12 -5.52 3.81
C ILE A 70 7.96 -4.61 3.45
N ILE A 71 8.06 -3.35 3.83
CA ILE A 71 7.03 -2.36 3.56
C ILE A 71 7.71 -1.11 3.06
N ARG A 72 7.30 -0.63 1.89
CA ARG A 72 7.90 0.56 1.30
C ARG A 72 6.87 1.67 1.32
N ASP A 73 7.25 2.81 1.88
CA ASP A 73 6.36 3.96 2.03
C ASP A 73 7.01 5.13 1.30
N ASN A 74 6.71 5.27 0.01
CA ASN A 74 7.27 6.36 -0.78
C ASN A 74 6.89 7.72 -0.24
N ALA A 75 5.76 7.82 0.46
CA ALA A 75 5.32 9.11 0.97
C ALA A 75 6.33 9.71 1.93
N LYS A 76 6.89 8.89 2.82
CA LYS A 76 7.84 9.35 3.82
C LYS A 76 9.28 9.04 3.46
N ASN A 77 9.54 8.61 2.22
CA ASN A 77 10.88 8.27 1.77
C ASN A 77 11.54 7.29 2.73
N SER A 78 10.84 6.18 2.99
CA SER A 78 11.24 5.25 4.02
C SER A 78 11.03 3.82 3.53
N LEU A 79 11.68 2.89 4.20
CA LEU A 79 11.57 1.47 3.92
C LEU A 79 11.55 0.72 5.24
N TYR A 80 10.64 -0.24 5.38
CA TYR A 80 10.43 -0.93 6.65
C TYR A 80 10.56 -2.42 6.43
N LEU A 81 11.12 -3.11 7.41
CA LEU A 81 11.19 -4.57 7.39
C LEU A 81 10.66 -5.07 8.73
N GLN A 82 9.37 -5.38 8.78
CA GLN A 82 8.75 -5.76 10.04
C GLN A 82 9.13 -7.22 10.29
N MET A 83 10.29 -7.42 10.89
CA MET A 83 10.80 -8.75 11.20
C MET A 83 9.88 -9.43 12.21
N ASN A 84 9.53 -10.68 11.95
CA ASN A 84 8.64 -11.43 12.83
C ASN A 84 9.20 -12.83 13.04
N SER A 85 8.85 -13.40 14.20
CA SER A 85 9.22 -14.77 14.55
C SER A 85 10.72 -15.01 14.36
N LEU A 86 11.51 -14.26 15.12
CA LEU A 86 12.95 -14.26 14.91
C LEU A 86 13.57 -15.57 15.39
N ARG A 87 14.77 -15.83 14.88
CA ARG A 87 15.52 -17.02 15.26
C ARG A 87 16.97 -16.66 15.57
N SER A 88 17.82 -17.69 15.73
CA SER A 88 19.21 -17.46 16.07
C SER A 88 20.01 -16.98 14.85
N GLU A 89 19.62 -17.45 13.66
CA GLU A 89 20.37 -17.08 12.45
C GLU A 89 20.12 -15.65 12.02
N ASP A 90 19.07 -15.01 12.52
CA ASP A 90 18.76 -13.64 12.13
C ASP A 90 19.70 -12.63 12.78
N THR A 91 20.57 -13.05 13.67
CA THR A 91 21.49 -12.14 14.34
C THR A 91 22.50 -11.65 13.32
N ALA A 92 22.26 -10.46 12.78
CA ALA A 92 23.12 -9.95 11.72
C ALA A 92 22.88 -8.46 11.56
N SER A 93 23.84 -7.79 10.93
CA SER A 93 23.67 -6.41 10.55
C SER A 93 22.79 -6.35 9.30
N TYR A 94 21.86 -5.40 9.28
CA TYR A 94 20.89 -5.31 8.20
C TYR A 94 21.13 -4.03 7.42
N TYR A 95 22.01 -4.09 6.42
CA TYR A 95 22.19 -2.94 5.55
C TYR A 95 20.95 -2.76 4.70
N CYS A 96 20.44 -1.54 4.66
CA CYS A 96 19.56 -1.15 3.59
C CYS A 96 20.37 -1.10 2.30
N ALA A 97 19.71 -0.83 1.18
CA ALA A 97 20.44 -0.77 -0.08
C ALA A 97 19.60 0.02 -1.07
N LYS A 98 20.11 0.11 -2.30
CA LYS A 98 19.39 0.75 -3.40
C LYS A 98 20.06 0.34 -4.68
N ASP A 99 19.27 0.07 -5.71
CA ASP A 99 19.81 -0.42 -6.97
C ASP A 99 19.64 0.61 -8.07
N PHE A 100 20.34 0.38 -9.17
CA PHE A 100 20.22 1.26 -10.32
C PHE A 100 18.81 1.24 -10.88
N SER A 101 18.24 0.05 -11.05
CA SER A 101 17.01 -0.12 -11.79
C SER A 101 15.81 0.33 -10.96
N ARG A 102 14.65 0.37 -11.60
CA ARG A 102 13.41 0.68 -10.92
C ARG A 102 12.78 -0.54 -10.28
N ASP A 103 13.04 -1.73 -10.81
CA ASP A 103 12.47 -2.96 -10.28
C ASP A 103 13.51 -3.81 -9.56
N GLY A 104 14.58 -4.19 -10.24
CA GLY A 104 15.63 -4.95 -9.59
C GLY A 104 16.89 -5.13 -10.41
N ASP A 105 18.02 -4.78 -9.82
CA ASP A 105 19.33 -4.90 -10.45
C ASP A 105 20.36 -4.70 -9.35
N ALA A 106 21.62 -4.56 -9.72
CA ALA A 106 22.70 -4.47 -8.74
C ALA A 106 22.56 -3.25 -7.85
N PHE A 107 23.02 -3.39 -6.61
CA PHE A 107 22.89 -2.35 -5.60
C PHE A 107 24.00 -1.33 -5.78
N ASP A 108 23.74 -0.09 -5.39
CA ASP A 108 24.77 0.93 -5.50
C ASP A 108 25.12 1.60 -4.18
N ILE A 109 24.12 2.04 -3.42
CA ILE A 109 24.34 2.87 -2.24
C ILE A 109 23.78 2.12 -1.03
N TRP A 110 24.61 1.97 0.00
CA TRP A 110 24.28 1.13 1.14
C TRP A 110 24.22 1.98 2.40
N GLY A 111 23.23 1.72 3.23
CA GLY A 111 23.23 2.27 4.56
C GLY A 111 24.24 1.56 5.43
N GLN A 112 24.46 2.11 6.63
CA GLN A 112 25.43 1.51 7.53
C GLN A 112 24.89 0.24 8.17
N GLY A 113 23.60 0.19 8.43
CA GLY A 113 23.00 -1.02 8.94
C GLY A 113 23.04 -1.10 10.45
N THR A 114 21.97 -1.63 11.02
CA THR A 114 21.89 -1.83 12.46
C THR A 114 22.67 -3.07 12.84
N MET A 115 22.52 -3.53 14.08
CA MET A 115 23.17 -4.73 14.55
C MET A 115 22.18 -5.59 15.31
N VAL A 116 21.04 -5.86 14.68
CA VAL A 116 19.99 -6.68 15.25
C VAL A 116 20.59 -7.94 15.83
N THR A 117 20.38 -8.18 17.12
CA THR A 117 20.91 -9.34 17.81
C THR A 117 19.78 -10.05 18.52
N VAL A 118 19.70 -11.36 18.34
CA VAL A 118 18.67 -12.18 18.97
C VAL A 118 19.40 -13.16 19.88
N SER A 119 19.30 -12.94 21.18
CA SER A 119 19.97 -13.79 22.15
C SER A 119 19.31 -13.64 23.51
N VAL B 2 -13.87 -18.98 27.77
CA VAL B 2 -14.72 -18.21 26.87
C VAL B 2 -16.11 -18.83 26.90
N GLN B 3 -17.10 -18.06 27.37
CA GLN B 3 -18.44 -18.56 27.63
C GLN B 3 -19.50 -17.64 27.05
N LEU B 4 -19.42 -17.35 25.75
CA LEU B 4 -20.52 -16.63 25.09
C LEU B 4 -21.86 -17.22 25.51
N VAL B 5 -22.68 -16.38 26.13
CA VAL B 5 -24.02 -16.78 26.58
C VAL B 5 -25.00 -15.80 25.97
N GLU B 6 -25.93 -16.32 25.16
CA GLU B 6 -26.99 -15.51 24.58
C GLU B 6 -28.30 -15.80 25.30
N SER B 7 -29.15 -14.78 25.38
CA SER B 7 -30.41 -14.90 26.09
C SER B 7 -31.38 -13.86 25.56
N GLY B 8 -32.66 -14.11 25.79
CA GLY B 8 -33.70 -13.20 25.35
C GLY B 8 -34.79 -13.88 24.54
N GLY B 9 -34.77 -15.20 24.48
CA GLY B 9 -35.77 -15.92 23.72
C GLY B 9 -37.14 -15.83 24.35
N GLY B 10 -38.16 -16.01 23.52
CA GLY B 10 -39.53 -15.95 24.00
C GLY B 10 -40.50 -16.19 22.87
N LEU B 11 -41.79 -16.01 23.19
CA LEU B 11 -42.87 -16.20 22.25
C LEU B 11 -43.46 -14.84 21.87
N VAL B 12 -43.43 -14.53 20.58
CA VAL B 12 -43.89 -13.25 20.07
C VAL B 12 -44.85 -13.50 18.92
N GLN B 13 -45.99 -12.80 18.94
CA GLN B 13 -46.98 -12.95 17.90
C GLN B 13 -46.40 -12.50 16.55
N PRO B 14 -46.87 -13.06 15.45
CA PRO B 14 -46.24 -12.76 14.15
C PRO B 14 -46.25 -11.28 13.83
N GLY B 15 -45.14 -10.80 13.28
CA GLY B 15 -44.96 -9.40 12.99
C GLY B 15 -44.49 -8.55 14.15
N GLY B 16 -44.28 -9.14 15.33
CA GLY B 16 -43.83 -8.40 16.49
C GLY B 16 -42.37 -8.01 16.38
N SER B 17 -41.75 -7.82 17.54
CA SER B 17 -40.34 -7.47 17.60
C SER B 17 -39.75 -8.03 18.89
N LEU B 18 -38.57 -8.65 18.76
CA LEU B 18 -37.94 -9.34 19.87
C LEU B 18 -36.45 -9.07 19.82
N ARG B 19 -35.83 -8.98 21.00
CA ARG B 19 -34.42 -8.64 21.14
C ARG B 19 -33.64 -9.85 21.63
N LEU B 20 -32.55 -10.16 20.94
CA LEU B 20 -31.60 -11.19 21.35
C LEU B 20 -30.32 -10.52 21.84
N SER B 21 -29.71 -11.10 22.87
CA SER B 21 -28.50 -10.52 23.43
C SER B 21 -27.51 -11.63 23.74
N CYS B 22 -26.37 -11.60 23.05
CA CYS B 22 -25.22 -12.44 23.38
C CYS B 22 -24.31 -11.66 24.32
N ALA B 23 -24.00 -12.27 25.47
CA ALA B 23 -23.13 -11.67 26.47
C ALA B 23 -21.81 -12.44 26.49
N ALA B 24 -20.79 -11.87 25.86
CA ALA B 24 -19.49 -12.52 25.78
C ALA B 24 -18.80 -12.48 27.14
N SER B 25 -18.07 -13.55 27.44
CA SER B 25 -17.43 -13.68 28.74
C SER B 25 -15.99 -13.18 28.71
N GLU B 26 -15.15 -13.77 27.86
CA GLU B 26 -13.76 -13.35 27.77
C GLU B 26 -13.47 -12.56 26.51
N PHE B 27 -14.19 -12.82 25.43
CA PHE B 27 -14.02 -12.03 24.21
C PHE B 27 -14.44 -10.58 24.46
N ILE B 28 -14.02 -9.71 23.55
CA ILE B 28 -14.52 -8.35 23.50
C ILE B 28 -15.19 -8.17 22.14
N VAL B 29 -16.50 -7.96 22.16
CA VAL B 29 -17.25 -7.91 20.91
C VAL B 29 -16.89 -6.69 20.08
N SER B 30 -16.32 -5.66 20.69
CA SER B 30 -15.90 -4.50 19.92
C SER B 30 -14.73 -4.80 19.00
N ALA B 31 -14.05 -5.93 19.19
CA ALA B 31 -12.91 -6.31 18.37
C ALA B 31 -13.17 -7.50 17.46
N ASN B 32 -13.74 -8.58 17.98
CA ASN B 32 -13.95 -9.79 17.20
C ASN B 32 -15.08 -9.60 16.20
N TYR B 33 -15.08 -10.43 15.16
CA TYR B 33 -16.26 -10.52 14.32
C TYR B 33 -17.27 -11.40 15.03
N MET B 34 -18.54 -11.04 14.96
CA MET B 34 -19.57 -11.82 15.62
C MET B 34 -20.67 -12.10 14.62
N SER B 35 -21.42 -13.16 14.87
CA SER B 35 -22.43 -13.57 13.91
C SER B 35 -23.56 -14.28 14.62
N TRP B 36 -24.71 -14.33 13.97
CA TRP B 36 -25.87 -15.07 14.44
C TRP B 36 -26.17 -16.15 13.43
N VAL B 37 -26.36 -17.37 13.92
CA VAL B 37 -26.63 -18.52 13.07
C VAL B 37 -27.85 -19.22 13.65
N ARG B 38 -28.90 -19.33 12.85
CA ARG B 38 -30.17 -19.87 13.33
C ARG B 38 -30.41 -21.25 12.74
N GLN B 39 -30.86 -22.16 13.59
CA GLN B 39 -31.16 -23.53 13.18
C GLN B 39 -32.65 -23.78 13.36
N ALA B 40 -33.38 -23.79 12.25
CA ALA B 40 -34.79 -24.08 12.32
C ALA B 40 -35.02 -25.49 12.83
N PRO B 41 -36.09 -25.72 13.59
CA PRO B 41 -36.30 -27.05 14.21
C PRO B 41 -36.37 -28.15 13.17
N GLY B 42 -35.44 -29.10 13.28
CA GLY B 42 -35.36 -30.22 12.37
C GLY B 42 -34.49 -30.00 11.16
N LYS B 43 -34.05 -28.78 10.88
CA LYS B 43 -33.27 -28.45 9.71
C LYS B 43 -31.81 -28.20 10.11
N GLY B 44 -31.01 -27.79 9.12
CA GLY B 44 -29.63 -27.45 9.37
C GLY B 44 -29.45 -25.97 9.65
N LEU B 45 -28.21 -25.60 9.90
CA LEU B 45 -27.89 -24.24 10.29
C LEU B 45 -28.12 -23.28 9.13
N GLU B 46 -28.58 -22.08 9.47
CA GLU B 46 -28.74 -21.00 8.50
C GLU B 46 -28.10 -19.75 9.06
N TRP B 47 -27.42 -19.02 8.19
CA TRP B 47 -26.75 -17.79 8.59
C TRP B 47 -27.76 -16.66 8.66
N VAL B 48 -27.50 -15.70 9.54
CA VAL B 48 -28.39 -14.57 9.76
C VAL B 48 -27.68 -13.24 9.51
N SER B 49 -26.65 -12.95 10.30
CA SER B 49 -25.98 -11.67 10.19
C SER B 49 -24.54 -11.81 10.67
N VAL B 50 -23.75 -10.79 10.40
CA VAL B 50 -22.37 -10.72 10.87
C VAL B 50 -22.02 -9.26 11.06
N ILE B 51 -21.14 -8.98 12.02
CA ILE B 51 -20.67 -7.64 12.27
C ILE B 51 -19.14 -7.66 12.30
N TYR B 52 -18.53 -6.85 11.44
CA TYR B 52 -17.09 -6.83 11.36
C TYR B 52 -16.50 -6.11 12.55
N SER B 53 -15.17 -6.06 12.60
CA SER B 53 -14.51 -5.36 13.70
C SER B 53 -14.73 -3.87 13.60
N GLY B 54 -14.80 -3.33 12.40
CA GLY B 54 -15.05 -1.92 12.23
C GLY B 54 -16.49 -1.51 12.39
N GLY B 55 -17.40 -2.46 12.56
CA GLY B 55 -18.80 -2.19 12.71
C GLY B 55 -19.64 -2.52 11.49
N SER B 56 -19.02 -2.77 10.35
CA SER B 56 -19.78 -3.13 9.15
C SER B 56 -20.62 -4.36 9.41
N THR B 57 -21.86 -4.33 8.95
CA THR B 57 -22.80 -5.42 9.15
C THR B 57 -23.29 -5.94 7.82
N PHE B 58 -23.67 -7.22 7.82
CA PHE B 58 -24.21 -7.87 6.63
C PHE B 58 -25.34 -8.77 7.08
N TYR B 59 -26.25 -9.05 6.15
CA TYR B 59 -27.43 -9.83 6.48
C TYR B 59 -27.76 -10.79 5.36
N ALA B 60 -28.40 -11.90 5.71
CA ALA B 60 -28.84 -12.85 4.71
C ALA B 60 -30.04 -12.28 3.95
N ASP B 61 -30.31 -12.87 2.78
CA ASP B 61 -31.37 -12.36 1.93
C ASP B 61 -32.73 -12.44 2.63
N SER B 62 -33.00 -13.54 3.32
CA SER B 62 -34.30 -13.74 3.94
C SER B 62 -34.53 -12.83 5.14
N VAL B 63 -33.51 -12.14 5.64
CA VAL B 63 -33.64 -11.31 6.81
C VAL B 63 -33.18 -9.87 6.59
N LYS B 64 -32.85 -9.49 5.37
CA LYS B 64 -32.51 -8.09 5.12
C LYS B 64 -33.75 -7.21 5.26
N GLY B 65 -33.58 -6.08 5.94
CA GLY B 65 -34.66 -5.15 6.17
C GLY B 65 -35.46 -5.42 7.43
N ARG B 66 -35.23 -6.55 8.10
CA ARG B 66 -35.98 -6.89 9.30
C ARG B 66 -35.10 -6.91 10.53
N PHE B 67 -34.03 -7.71 10.55
CA PHE B 67 -33.15 -7.78 11.70
C PHE B 67 -32.04 -6.74 11.57
N THR B 68 -31.56 -6.29 12.73
CA THR B 68 -30.40 -5.40 12.80
C THR B 68 -29.48 -5.91 13.90
N ILE B 69 -28.24 -6.18 13.55
CA ILE B 69 -27.24 -6.63 14.51
C ILE B 69 -26.46 -5.43 15.00
N SER B 70 -26.20 -5.39 16.31
CA SER B 70 -25.38 -4.34 16.88
C SER B 70 -24.78 -4.84 18.17
N ARG B 71 -23.76 -4.15 18.64
CA ARG B 71 -23.05 -4.51 19.85
C ARG B 71 -22.82 -3.27 20.68
N ASP B 72 -22.68 -3.47 21.99
CA ASP B 72 -22.35 -2.39 22.91
C ASP B 72 -21.05 -2.77 23.60
N ASN B 73 -20.05 -1.89 23.51
CA ASN B 73 -18.75 -2.15 24.08
C ASN B 73 -18.72 -2.01 25.60
N SER B 74 -19.61 -1.19 26.16
CA SER B 74 -19.54 -0.88 27.58
C SER B 74 -19.76 -2.12 28.44
N LYS B 75 -20.74 -2.94 28.07
CA LYS B 75 -21.03 -4.17 28.81
C LYS B 75 -20.69 -5.43 28.03
N ASN B 76 -20.04 -5.29 26.87
CA ASN B 76 -19.52 -6.42 26.10
C ASN B 76 -20.65 -7.38 25.70
N THR B 77 -21.64 -6.84 25.00
CA THR B 77 -22.83 -7.59 24.63
C THR B 77 -23.13 -7.37 23.15
N LEU B 78 -23.79 -8.36 22.56
CA LEU B 78 -24.15 -8.36 21.14
C LEU B 78 -25.65 -8.50 20.99
N TYR B 79 -26.23 -7.71 20.10
CA TYR B 79 -27.67 -7.55 20.00
C TYR B 79 -28.16 -7.91 18.61
N LEU B 80 -29.35 -8.49 18.53
CA LEU B 80 -30.03 -8.76 17.27
C LEU B 80 -31.48 -8.30 17.40
N GLN B 81 -31.78 -7.13 16.85
CA GLN B 81 -33.14 -6.58 16.91
C GLN B 81 -34.00 -7.30 15.88
N MET B 82 -34.58 -8.43 16.29
CA MET B 82 -35.52 -9.14 15.44
C MET B 82 -36.85 -8.38 15.39
N ASN B 83 -37.19 -7.86 14.22
CA ASN B 83 -38.47 -7.20 14.00
C ASN B 83 -39.17 -7.89 12.84
N SER B 84 -40.49 -7.67 12.75
CA SER B 84 -41.31 -8.24 11.69
C SER B 84 -41.20 -9.76 11.66
N LEU B 85 -41.29 -10.39 12.83
CA LEU B 85 -41.12 -11.83 12.94
C LEU B 85 -42.19 -12.55 12.14
N ARG B 86 -41.82 -13.71 11.61
CA ARG B 86 -42.78 -14.51 10.85
C ARG B 86 -42.80 -15.94 11.38
N VAL B 87 -43.63 -16.79 10.76
CA VAL B 87 -43.77 -18.16 11.24
C VAL B 87 -42.47 -18.92 11.07
N GLU B 88 -41.71 -18.64 10.01
CA GLU B 88 -40.52 -19.40 9.69
C GLU B 88 -39.26 -18.84 10.36
N ASP B 89 -39.38 -17.82 11.21
CA ASP B 89 -38.26 -17.40 12.00
C ASP B 89 -38.15 -18.15 13.32
N THR B 90 -39.15 -18.96 13.67
CA THR B 90 -39.05 -19.79 14.86
C THR B 90 -37.86 -20.73 14.72
N ALA B 91 -36.83 -20.52 15.53
CA ALA B 91 -35.61 -21.31 15.42
C ALA B 91 -34.82 -21.14 16.71
N VAL B 92 -33.57 -21.60 16.68
CA VAL B 92 -32.63 -21.42 17.77
C VAL B 92 -31.49 -20.56 17.25
N TYR B 93 -31.17 -19.49 17.95
CA TYR B 93 -30.20 -18.51 17.47
C TYR B 93 -28.91 -18.66 18.25
N PHE B 94 -27.84 -19.02 17.55
CA PHE B 94 -26.51 -19.10 18.12
C PHE B 94 -25.75 -17.84 17.78
N CYS B 95 -25.03 -17.30 18.76
CA CYS B 95 -24.05 -16.27 18.49
C CYS B 95 -22.69 -16.92 18.39
N ALA B 96 -22.08 -16.87 17.22
CA ALA B 96 -20.80 -17.49 16.96
C ALA B 96 -19.70 -16.48 17.16
N ARG B 97 -18.48 -16.87 16.79
CA ARG B 97 -17.35 -15.94 16.76
C ARG B 97 -16.65 -16.18 15.44
N PHE B 98 -17.11 -15.49 14.41
CA PHE B 98 -16.53 -15.64 13.08
C PHE B 98 -15.11 -15.10 13.08
N LEU B 99 -14.22 -15.80 12.39
CA LEU B 99 -12.80 -15.45 12.35
C LEU B 99 -12.38 -15.05 10.94
N PRO B 100 -12.00 -13.81 10.70
CA PRO B 100 -11.45 -13.48 9.38
C PRO B 100 -10.07 -14.08 9.23
N THR B 101 -10.04 -15.17 8.50
CA THR B 101 -8.86 -15.97 8.24
C THR B 101 -9.38 -16.82 7.10
N TYR B 102 -8.88 -18.03 6.93
CA TYR B 102 -9.84 -19.05 6.58
C TYR B 102 -11.10 -18.76 7.38
N ASP B 103 -12.22 -18.56 6.70
CA ASP B 103 -13.37 -17.87 7.31
C ASP B 103 -14.32 -18.86 7.97
N TYR B 104 -14.15 -19.06 9.28
CA TYR B 104 -14.89 -20.09 10.00
C TYR B 104 -15.40 -19.55 11.32
N PHE B 105 -16.39 -20.26 11.87
CA PHE B 105 -17.01 -19.90 13.14
C PHE B 105 -16.30 -20.65 14.26
N ASP B 106 -15.34 -20.00 14.89
CA ASP B 106 -14.52 -20.63 15.91
C ASP B 106 -15.34 -21.15 17.09
N TYR B 107 -15.95 -20.25 17.85
CA TYR B 107 -16.65 -20.60 19.07
C TYR B 107 -18.11 -20.18 18.95
N TRP B 108 -19.00 -20.97 19.54
CA TRP B 108 -20.43 -20.80 19.36
C TRP B 108 -21.12 -20.54 20.69
N GLY B 109 -22.27 -19.90 20.60
CA GLY B 109 -23.12 -19.71 21.76
C GLY B 109 -23.74 -21.01 22.22
N GLN B 110 -24.92 -20.94 22.85
CA GLN B 110 -25.54 -22.14 23.38
C GLN B 110 -26.93 -22.41 22.83
N GLY B 111 -27.71 -21.38 22.52
CA GLY B 111 -29.01 -21.60 21.94
C GLY B 111 -30.16 -20.98 22.70
N THR B 112 -30.89 -20.08 22.05
CA THR B 112 -32.09 -19.48 22.63
C THR B 112 -33.25 -19.69 21.66
N LEU B 113 -34.26 -20.44 22.11
CA LEU B 113 -35.37 -20.81 21.23
C LEU B 113 -36.29 -19.61 21.08
N VAL B 114 -36.05 -18.82 20.05
CA VAL B 114 -36.95 -17.74 19.67
C VAL B 114 -38.08 -18.33 18.85
N THR B 115 -39.28 -18.34 19.41
CA THR B 115 -40.42 -19.01 18.79
C THR B 115 -41.52 -18.00 18.47
N VAL B 116 -42.27 -18.32 17.42
CA VAL B 116 -43.35 -17.47 16.94
C VAL B 116 -44.64 -18.28 16.93
N SER B 117 -45.66 -17.78 17.62
CA SER B 117 -46.98 -18.41 17.64
C SER B 117 -48.03 -17.45 18.17
N ASP C 1 -24.45 -17.66 -6.35
CA ASP C 1 -24.81 -18.39 -5.14
C ASP C 1 -24.26 -19.81 -5.17
N ILE C 2 -23.45 -20.13 -4.16
CA ILE C 2 -22.92 -21.49 -4.03
C ILE C 2 -24.07 -22.43 -3.71
N GLN C 3 -23.95 -23.67 -4.16
CA GLN C 3 -24.89 -24.73 -3.80
C GLN C 3 -24.09 -25.95 -3.36
N MET C 4 -24.26 -26.35 -2.11
CA MET C 4 -23.50 -27.46 -1.57
C MET C 4 -24.29 -28.76 -1.67
N THR C 5 -23.62 -29.85 -1.31
CA THR C 5 -24.24 -31.17 -1.37
C THR C 5 -23.44 -32.11 -0.48
N GLN C 6 -24.07 -32.60 0.58
CA GLN C 6 -23.43 -33.55 1.48
C GLN C 6 -23.99 -34.94 1.21
N SER C 7 -23.13 -35.86 0.80
CA SER C 7 -23.52 -37.22 0.51
C SER C 7 -22.49 -38.16 1.11
N PRO C 8 -22.95 -39.27 1.72
CA PRO C 8 -24.36 -39.56 1.95
C PRO C 8 -24.82 -39.06 3.32
N SER C 9 -26.11 -39.20 3.61
CA SER C 9 -26.69 -38.70 4.85
C SER C 9 -27.20 -39.86 5.69
N SER C 10 -27.07 -39.72 7.00
CA SER C 10 -27.51 -40.72 7.98
C SER C 10 -26.80 -42.06 7.70
N LEU C 11 -25.51 -42.05 7.95
CA LEU C 11 -24.66 -43.20 7.69
C LEU C 11 -24.99 -44.34 8.66
N SER C 12 -24.27 -45.44 8.51
CA SER C 12 -24.50 -46.63 9.32
C SER C 12 -23.72 -46.54 10.62
N ALA C 13 -24.40 -46.86 11.73
CA ALA C 13 -23.77 -46.86 13.05
C ALA C 13 -22.94 -48.13 13.18
N SER C 14 -21.70 -48.04 12.69
CA SER C 14 -20.75 -49.14 12.71
C SER C 14 -19.54 -48.70 13.53
N VAL C 15 -19.52 -49.10 14.80
CA VAL C 15 -18.41 -48.74 15.69
C VAL C 15 -17.10 -49.31 15.16
N GLY C 16 -16.03 -48.54 15.30
CA GLY C 16 -14.72 -48.98 14.87
C GLY C 16 -14.61 -49.19 13.38
N ASP C 17 -15.12 -48.23 12.60
CA ASP C 17 -15.11 -48.34 11.16
C ASP C 17 -14.68 -47.01 10.56
N ARG C 18 -14.00 -47.09 9.42
CA ARG C 18 -13.64 -45.88 8.69
C ARG C 18 -14.89 -45.25 8.11
N VAL C 19 -15.22 -44.05 8.59
CA VAL C 19 -16.42 -43.33 8.19
C VAL C 19 -16.00 -42.20 7.26
N THR C 20 -16.74 -42.03 6.16
CA THR C 20 -16.39 -41.07 5.13
C THR C 20 -17.59 -40.19 4.79
N ILE C 21 -17.36 -38.89 4.74
CA ILE C 21 -18.37 -37.91 4.37
C ILE C 21 -17.80 -37.02 3.29
N THR C 22 -18.54 -36.84 2.20
CA THR C 22 -18.11 -35.96 1.12
C THR C 22 -19.02 -34.75 1.03
N CYS C 23 -18.51 -33.69 0.42
CA CYS C 23 -19.26 -32.44 0.32
C CYS C 23 -19.00 -31.86 -1.07
N ARG C 24 -19.86 -32.21 -2.02
CA ARG C 24 -19.74 -31.67 -3.37
C ARG C 24 -20.33 -30.26 -3.41
N THR C 25 -19.53 -29.31 -3.88
CA THR C 25 -19.94 -27.92 -3.95
C THR C 25 -20.07 -27.49 -5.40
N SER C 26 -21.11 -26.69 -5.68
CA SER C 26 -21.45 -26.35 -7.05
C SER C 26 -20.37 -25.54 -7.76
N GLN C 27 -19.49 -24.87 -7.01
CA GLN C 27 -18.46 -24.04 -7.62
C GLN C 27 -17.14 -24.34 -6.93
N SER C 28 -16.05 -23.89 -7.56
CA SER C 28 -14.71 -24.19 -7.07
C SER C 28 -14.37 -23.26 -5.91
N ILE C 29 -14.51 -23.75 -4.69
CA ILE C 29 -13.96 -23.10 -3.51
C ILE C 29 -12.64 -23.78 -3.18
N SER C 30 -11.58 -22.99 -3.01
CA SER C 30 -10.25 -23.57 -3.04
C SER C 30 -9.98 -24.44 -1.83
N THR C 31 -9.88 -23.84 -0.65
CA THR C 31 -9.72 -24.55 0.60
C THR C 31 -10.54 -23.87 1.68
N TYR C 32 -11.75 -23.47 1.36
CA TYR C 32 -12.54 -22.68 2.28
C TYR C 32 -13.81 -23.41 2.64
N LEU C 33 -13.68 -24.69 2.99
CA LEU C 33 -14.81 -25.47 3.44
C LEU C 33 -14.46 -26.09 4.79
N HIS C 34 -15.24 -25.73 5.81
CA HIS C 34 -14.96 -26.05 7.19
C HIS C 34 -16.01 -27.02 7.71
N TRP C 35 -15.61 -27.92 8.60
CA TRP C 35 -16.48 -29.00 9.02
C TRP C 35 -16.90 -28.82 10.47
N TYR C 36 -18.20 -28.79 10.71
CA TYR C 36 -18.76 -28.62 12.04
C TYR C 36 -19.49 -29.88 12.46
N GLN C 37 -19.35 -30.22 13.73
CA GLN C 37 -19.93 -31.43 14.30
C GLN C 37 -20.94 -31.01 15.35
N GLN C 38 -22.20 -30.96 14.95
CA GLN C 38 -23.28 -30.48 15.80
C GLN C 38 -23.93 -31.66 16.49
N LYS C 39 -23.54 -31.90 17.73
CA LYS C 39 -24.19 -32.93 18.52
C LYS C 39 -25.65 -32.53 18.80
N PRO C 40 -26.53 -33.50 19.05
CA PRO C 40 -27.94 -33.14 19.28
C PRO C 40 -28.12 -32.40 20.60
N GLY C 41 -28.74 -31.23 20.53
CA GLY C 41 -28.96 -30.39 21.69
C GLY C 41 -27.85 -29.40 21.97
N LYS C 42 -26.72 -29.49 21.29
CA LYS C 42 -25.60 -28.58 21.50
C LYS C 42 -25.41 -27.69 20.27
N ALA C 43 -24.31 -26.94 20.28
CA ALA C 43 -23.89 -26.09 19.18
C ALA C 43 -22.70 -26.70 18.46
N PRO C 44 -22.50 -26.39 17.18
CA PRO C 44 -21.44 -27.03 16.40
C PRO C 44 -20.06 -26.81 17.02
N LYS C 45 -19.10 -27.62 16.55
CA LYS C 45 -17.85 -27.78 17.28
C LYS C 45 -16.58 -27.55 16.47
N LEU C 46 -16.68 -27.28 15.17
CA LEU C 46 -15.51 -26.90 14.38
C LEU C 46 -14.43 -27.98 14.42
N LEU C 47 -14.73 -29.10 13.77
CA LEU C 47 -13.73 -30.15 13.64
C LEU C 47 -12.52 -29.66 12.85
N ILE C 48 -12.77 -29.07 11.68
CA ILE C 48 -11.72 -28.80 10.71
C ILE C 48 -11.89 -27.37 10.19
N TYR C 49 -10.80 -26.77 9.78
CA TYR C 49 -10.87 -25.58 8.94
C TYR C 49 -9.88 -25.72 7.80
N ALA C 50 -10.07 -24.89 6.78
CA ALA C 50 -9.32 -24.94 5.54
C ALA C 50 -9.48 -26.27 4.82
N ALA C 51 -10.41 -27.11 5.27
CA ALA C 51 -10.70 -28.45 4.77
C ALA C 51 -9.60 -29.45 5.05
N SER C 52 -8.53 -29.06 5.70
CA SER C 52 -7.46 -30.00 5.98
C SER C 52 -6.97 -29.99 7.43
N SER C 53 -6.90 -28.83 8.05
CA SER C 53 -6.21 -28.68 9.33
C SER C 53 -7.19 -28.80 10.48
N LEU C 54 -6.88 -29.66 11.44
CA LEU C 54 -7.75 -29.88 12.58
C LEU C 54 -7.80 -28.64 13.47
N HIS C 55 -8.63 -28.74 14.51
CA HIS C 55 -8.87 -27.62 15.40
C HIS C 55 -8.62 -28.01 16.85
N ARG C 61 -8.67 -37.36 15.66
CA ARG C 61 -8.68 -38.52 14.78
C ARG C 61 -9.31 -38.20 13.42
N PHE C 62 -10.08 -37.12 13.38
CA PHE C 62 -10.69 -36.67 12.14
C PHE C 62 -9.61 -36.23 11.16
N SER C 63 -9.87 -36.43 9.87
CA SER C 63 -8.89 -36.11 8.84
C SER C 63 -9.63 -35.74 7.57
N GLY C 64 -9.69 -34.44 7.27
CA GLY C 64 -10.38 -33.95 6.09
C GLY C 64 -9.40 -33.65 4.98
N SER C 65 -9.90 -33.73 3.74
CA SER C 65 -9.09 -33.46 2.57
C SER C 65 -9.99 -32.99 1.44
N GLY C 66 -9.38 -32.36 0.45
CA GLY C 66 -10.10 -31.96 -0.73
C GLY C 66 -9.94 -30.51 -1.11
N SER C 67 -10.16 -30.19 -2.38
CA SER C 67 -10.01 -28.83 -2.87
C SER C 67 -10.85 -28.65 -4.12
N GLY C 68 -11.31 -27.43 -4.33
CA GLY C 68 -12.06 -27.10 -5.52
C GLY C 68 -13.53 -27.49 -5.45
N THR C 69 -13.83 -28.78 -5.60
CA THR C 69 -15.22 -29.19 -5.71
C THR C 69 -15.54 -30.35 -4.77
N HIS C 70 -14.59 -31.23 -4.52
CA HIS C 70 -14.81 -32.40 -3.70
C HIS C 70 -14.01 -32.28 -2.42
N PHE C 71 -14.70 -32.28 -1.29
CA PHE C 71 -14.09 -32.25 0.03
C PHE C 71 -14.59 -33.44 0.83
N VAL C 72 -13.70 -34.07 1.58
CA VAL C 72 -14.03 -35.29 2.29
C VAL C 72 -13.73 -35.11 3.77
N LEU C 73 -14.65 -35.58 4.61
CA LEU C 73 -14.43 -35.68 6.05
C LEU C 73 -14.34 -37.16 6.40
N THR C 74 -13.23 -37.56 7.01
CA THR C 74 -12.98 -38.96 7.30
C THR C 74 -12.84 -39.13 8.80
N ILE C 75 -13.52 -40.14 9.34
CA ILE C 75 -13.38 -40.56 10.72
C ILE C 75 -12.74 -41.93 10.68
N ASN C 76 -11.41 -41.98 10.80
CA ASN C 76 -10.71 -43.26 10.64
C ASN C 76 -11.12 -44.26 11.70
N GLY C 77 -11.24 -43.80 12.95
CA GLY C 77 -11.79 -44.64 14.00
C GLY C 77 -13.07 -44.07 14.57
N LEU C 78 -14.20 -44.72 14.32
CA LEU C 78 -15.48 -44.20 14.76
C LEU C 78 -15.72 -44.56 16.21
N GLN C 79 -16.09 -43.58 17.00
CA GLN C 79 -16.39 -43.88 18.38
C GLN C 79 -17.87 -43.67 18.67
N PRO C 80 -18.44 -44.43 19.60
CA PRO C 80 -19.86 -44.25 19.95
C PRO C 80 -20.20 -42.84 20.44
N GLU C 81 -19.19 -41.99 20.58
CA GLU C 81 -19.38 -40.62 21.06
C GLU C 81 -19.48 -39.61 19.92
N ASP C 82 -19.48 -40.06 18.68
CA ASP C 82 -19.46 -39.17 17.53
C ASP C 82 -20.67 -39.37 16.62
N PHE C 83 -21.73 -39.99 17.13
CA PHE C 83 -22.96 -40.18 16.38
C PHE C 83 -23.70 -38.84 16.34
N ALA C 84 -23.18 -37.94 15.50
CA ALA C 84 -23.67 -36.57 15.46
C ALA C 84 -24.04 -36.14 14.04
N THR C 85 -24.30 -34.85 13.86
CA THR C 85 -24.62 -34.28 12.55
C THR C 85 -23.51 -33.34 12.14
N TYR C 86 -23.07 -33.45 10.89
CA TYR C 86 -21.85 -32.80 10.40
C TYR C 86 -22.19 -31.88 9.24
N TYR C 87 -21.74 -30.64 9.31
CA TYR C 87 -22.06 -29.64 8.30
C TYR C 87 -20.80 -29.12 7.63
N CYS C 88 -20.95 -28.67 6.39
CA CYS C 88 -19.88 -27.97 5.69
C CYS C 88 -20.00 -26.48 6.02
N GLN C 89 -19.28 -25.64 5.28
CA GLN C 89 -19.42 -24.20 5.33
C GLN C 89 -18.56 -23.61 4.24
N HIS C 90 -18.91 -22.39 3.82
CA HIS C 90 -18.03 -21.57 3.00
C HIS C 90 -18.64 -20.18 2.96
N THR C 91 -17.79 -19.15 2.98
CA THR C 91 -18.24 -17.77 2.97
C THR C 91 -17.88 -17.16 1.62
N ASP C 92 -18.88 -16.66 0.92
CA ASP C 92 -18.63 -15.95 -0.32
C ASP C 92 -17.90 -14.64 -0.03
N THR C 93 -17.20 -14.13 -1.05
CA THR C 93 -16.59 -12.82 -0.92
C THR C 93 -17.66 -11.75 -0.67
N THR C 94 -18.75 -11.80 -1.42
CA THR C 94 -19.94 -11.10 -1.00
C THR C 94 -20.40 -11.79 0.28
N PRO C 95 -20.25 -11.16 1.45
CA PRO C 95 -20.32 -11.92 2.71
C PRO C 95 -21.59 -12.73 2.84
N LEU C 96 -21.44 -14.05 2.76
CA LEU C 96 -22.57 -14.97 2.73
C LEU C 96 -22.02 -16.34 3.07
N THR C 97 -22.37 -16.88 4.24
CA THR C 97 -21.95 -18.23 4.55
C THR C 97 -23.04 -19.18 4.07
N PHE C 98 -22.64 -20.29 3.49
CA PHE C 98 -23.56 -21.33 3.06
C PHE C 98 -23.21 -22.60 3.81
N PHE C 99 -24.15 -23.09 4.59
CA PHE C 99 -23.98 -24.35 5.29
C PHE C 99 -24.55 -25.49 4.47
N GLY C 100 -23.88 -26.63 4.54
CA GLY C 100 -24.36 -27.80 3.84
C GLY C 100 -25.57 -28.38 4.51
N GLY C 101 -26.12 -29.42 3.87
CA GLY C 101 -27.34 -30.04 4.39
C GLY C 101 -27.16 -30.69 5.74
N GLY C 102 -26.03 -31.36 5.96
CA GLY C 102 -25.82 -32.05 7.21
C GLY C 102 -26.03 -33.54 7.10
N THR C 103 -25.10 -34.31 7.65
CA THR C 103 -25.17 -35.77 7.60
C THR C 103 -25.09 -36.33 9.01
N LYS C 104 -25.92 -37.31 9.31
CA LYS C 104 -25.87 -38.00 10.58
C LYS C 104 -24.88 -39.16 10.50
N VAL C 105 -24.78 -39.91 11.59
CA VAL C 105 -23.84 -41.03 11.61
C VAL C 105 -24.43 -42.19 12.41
N ASN D 331 4.71 16.50 -23.68
CA ASN D 331 5.03 15.17 -23.16
C ASN D 331 3.76 14.36 -22.92
N LEU D 332 3.92 13.20 -22.29
CA LEU D 332 2.79 12.35 -21.94
C LEU D 332 2.97 11.83 -20.52
N CYS D 333 1.86 11.64 -19.83
CA CYS D 333 1.90 11.11 -18.48
C CYS D 333 2.34 9.65 -18.51
N PRO D 334 3.08 9.21 -17.50
CA PRO D 334 3.68 7.87 -17.52
C PRO D 334 2.71 6.76 -17.11
N PHE D 335 1.65 6.59 -17.90
CA PHE D 335 0.74 5.47 -17.65
C PHE D 335 1.38 4.14 -18.04
N GLY D 336 2.32 4.16 -18.99
CA GLY D 336 3.00 2.93 -19.35
C GLY D 336 3.80 2.35 -18.20
N GLU D 337 4.42 3.21 -17.40
CA GLU D 337 5.14 2.74 -16.23
C GLU D 337 4.19 2.13 -15.21
N VAL D 338 3.01 2.73 -15.04
CA VAL D 338 2.08 2.26 -14.01
C VAL D 338 1.42 0.96 -14.43
N PHE D 339 0.65 0.99 -15.51
CA PHE D 339 -0.21 -0.15 -15.82
C PHE D 339 0.58 -1.35 -16.32
N ASN D 340 1.71 -1.11 -16.98
CA ASN D 340 2.52 -2.19 -17.53
C ASN D 340 3.68 -2.57 -16.63
N ALA D 341 3.65 -2.14 -15.37
CA ALA D 341 4.72 -2.44 -14.44
C ALA D 341 4.85 -3.94 -14.21
N THR D 342 5.95 -4.34 -13.60
CA THR D 342 6.23 -5.76 -13.38
C THR D 342 5.58 -6.29 -12.12
N ARG D 343 5.55 -5.50 -11.06
CA ARG D 343 4.99 -5.92 -9.79
C ARG D 343 4.11 -4.80 -9.24
N PHE D 344 3.04 -5.18 -8.56
CA PHE D 344 2.18 -4.22 -7.90
C PHE D 344 2.22 -4.43 -6.39
N ALA D 345 1.97 -3.35 -5.67
CA ALA D 345 1.94 -3.40 -4.22
C ALA D 345 0.75 -4.23 -3.75
N SER D 346 0.89 -4.82 -2.57
CA SER D 346 -0.24 -5.49 -1.96
C SER D 346 -1.26 -4.46 -1.49
N VAL D 347 -2.49 -4.93 -1.27
CA VAL D 347 -3.59 -3.99 -1.11
C VAL D 347 -3.48 -3.18 0.17
N TYR D 348 -3.00 -3.78 1.25
CA TYR D 348 -2.96 -3.07 2.52
C TYR D 348 -1.96 -1.93 2.50
N ALA D 349 -0.89 -2.06 1.73
CA ALA D 349 0.13 -1.03 1.63
C ALA D 349 0.16 -0.48 0.21
N TRP D 350 -1.03 -0.19 -0.33
CA TRP D 350 -1.17 0.17 -1.73
C TRP D 350 -0.29 1.34 -2.10
N ASN D 351 0.28 1.29 -3.30
CA ASN D 351 1.11 2.36 -3.81
C ASN D 351 0.27 3.58 -4.16
N ARG D 352 0.91 4.74 -4.19
CA ARG D 352 0.24 5.98 -4.58
C ARG D 352 1.21 6.81 -5.43
N LYS D 353 0.85 7.00 -6.69
CA LYS D 353 1.69 7.74 -7.63
C LYS D 353 1.02 9.05 -7.98
N ARG D 354 1.74 10.15 -7.76
CA ARG D 354 1.25 11.48 -8.13
C ARG D 354 1.67 11.79 -9.56
N ILE D 355 0.70 12.13 -10.40
CA ILE D 355 0.94 12.43 -11.80
C ILE D 355 0.52 13.87 -12.07
N SER D 356 1.42 14.65 -12.65
CA SER D 356 1.17 16.06 -12.89
C SER D 356 2.10 16.55 -13.98
N ASN D 357 1.80 17.76 -14.48
CA ASN D 357 2.63 18.43 -15.48
C ASN D 357 2.81 17.58 -16.73
N CYS D 358 1.74 16.92 -17.17
CA CYS D 358 1.81 16.14 -18.40
C CYS D 358 0.40 16.03 -18.98
N VAL D 359 0.37 15.78 -20.29
CA VAL D 359 -0.89 15.49 -20.97
C VAL D 359 -1.14 14.00 -20.88
N ALA D 360 -2.28 13.61 -20.32
CA ALA D 360 -2.61 12.22 -20.07
C ALA D 360 -3.54 11.73 -21.17
N ASP D 361 -3.11 10.69 -21.89
CA ASP D 361 -3.90 10.10 -22.96
C ASP D 361 -4.64 8.89 -22.41
N TYR D 362 -5.86 9.11 -21.94
CA TYR D 362 -6.69 8.04 -21.44
C TYR D 362 -7.26 7.17 -22.55
N SER D 363 -7.11 7.58 -23.81
CA SER D 363 -7.71 6.83 -24.91
C SER D 363 -7.13 5.43 -25.00
N VAL D 364 -5.81 5.30 -24.84
CA VAL D 364 -5.20 3.97 -24.89
C VAL D 364 -5.70 3.10 -23.74
N LEU D 365 -5.92 3.69 -22.58
CA LEU D 365 -6.49 2.94 -21.46
C LEU D 365 -7.91 2.52 -21.77
N TYR D 366 -8.72 3.44 -22.26
CA TYR D 366 -10.12 3.13 -22.57
C TYR D 366 -10.21 2.08 -23.68
N ASN D 367 -9.32 2.15 -24.66
CA ASN D 367 -9.32 1.21 -25.77
C ASN D 367 -8.31 0.10 -25.53
N SER D 368 -8.70 -0.81 -24.65
CA SER D 368 -7.86 -1.98 -24.36
C SER D 368 -8.77 -3.18 -24.13
N ALA D 369 -8.41 -4.31 -24.75
CA ALA D 369 -9.19 -5.53 -24.59
C ALA D 369 -8.82 -6.30 -23.33
N SER D 370 -7.72 -5.96 -22.68
CA SER D 370 -7.32 -6.68 -21.47
C SER D 370 -8.10 -6.25 -20.25
N PHE D 371 -8.48 -4.98 -20.15
CA PHE D 371 -9.08 -4.46 -18.93
C PHE D 371 -10.46 -5.06 -18.74
N SER D 372 -10.55 -6.09 -17.90
CA SER D 372 -11.81 -6.72 -17.61
C SER D 372 -12.66 -5.93 -16.63
N THR D 373 -12.33 -4.66 -16.39
CA THR D 373 -13.11 -3.80 -15.53
C THR D 373 -12.74 -2.35 -15.82
N PHE D 374 -13.73 -1.53 -16.12
CA PHE D 374 -13.53 -0.09 -16.29
C PHE D 374 -14.89 0.56 -16.07
N LYS D 375 -15.04 1.23 -14.94
CA LYS D 375 -16.30 1.85 -14.57
C LYS D 375 -15.98 3.07 -13.73
N CYS D 376 -16.71 4.16 -13.93
CA CYS D 376 -16.40 5.33 -13.13
C CYS D 376 -17.49 6.40 -13.16
N TYR D 377 -17.22 7.45 -12.37
CA TYR D 377 -18.24 8.18 -11.64
C TYR D 377 -17.99 9.67 -11.81
N GLY D 378 -19.03 10.41 -12.18
CA GLY D 378 -18.93 11.85 -12.32
C GLY D 378 -18.01 12.31 -13.43
N VAL D 379 -17.23 11.43 -14.03
CA VAL D 379 -16.39 11.74 -15.18
C VAL D 379 -16.64 10.66 -16.23
N SER D 380 -17.35 11.03 -17.29
CA SER D 380 -17.69 10.05 -18.31
C SER D 380 -16.43 9.54 -19.00
N PRO D 381 -16.37 8.26 -19.35
CA PRO D 381 -15.18 7.73 -20.04
C PRO D 381 -14.89 8.42 -21.36
N THR D 382 -15.92 8.89 -22.06
CA THR D 382 -15.69 9.60 -23.32
C THR D 382 -15.02 10.94 -23.07
N LYS D 383 -15.49 11.69 -22.08
CA LYS D 383 -14.96 13.03 -21.82
C LYS D 383 -13.72 13.03 -20.94
N LEU D 384 -13.02 11.89 -20.82
CA LEU D 384 -11.78 11.87 -20.07
C LEU D 384 -10.75 12.80 -20.70
N ASN D 385 -10.64 12.79 -22.02
CA ASN D 385 -9.70 13.64 -22.74
C ASN D 385 -10.18 15.07 -22.90
N ASP D 386 -11.17 15.49 -22.11
CA ASP D 386 -11.72 16.84 -22.21
C ASP D 386 -11.50 17.68 -20.97
N LEU D 387 -11.18 17.07 -19.83
CA LEU D 387 -11.07 17.78 -18.56
C LEU D 387 -9.65 17.71 -18.04
N CYS D 388 -9.13 18.87 -17.65
CA CYS D 388 -7.80 18.99 -17.07
C CYS D 388 -7.93 19.20 -15.57
N PHE D 389 -7.19 18.41 -14.81
CA PHE D 389 -7.23 18.47 -13.35
C PHE D 389 -5.86 18.90 -12.83
N THR D 390 -5.86 19.43 -11.61
CA THR D 390 -4.62 19.92 -11.03
C THR D 390 -3.62 18.79 -10.84
N ASN D 391 -4.07 17.64 -10.37
CA ASN D 391 -3.21 16.49 -10.19
C ASN D 391 -4.01 15.22 -10.39
N VAL D 392 -3.31 14.14 -10.74
CA VAL D 392 -3.92 12.84 -10.96
C VAL D 392 -3.13 11.80 -10.17
N TYR D 393 -3.83 10.95 -9.45
CA TYR D 393 -3.22 9.87 -8.69
C TYR D 393 -3.40 8.55 -9.42
N ALA D 394 -2.51 7.60 -9.11
CA ALA D 394 -2.61 6.24 -9.65
C ALA D 394 -2.36 5.27 -8.50
N ASP D 395 -3.42 4.92 -7.79
CA ASP D 395 -3.32 3.97 -6.69
C ASP D 395 -3.36 2.57 -7.25
N SER D 396 -2.26 1.85 -7.12
CA SER D 396 -2.16 0.51 -7.67
C SER D 396 -2.04 -0.50 -6.55
N PHE D 397 -2.61 -1.68 -6.76
CA PHE D 397 -2.45 -2.80 -5.84
C PHE D 397 -2.96 -4.05 -6.53
N VAL D 398 -2.98 -5.15 -5.79
CA VAL D 398 -3.43 -6.44 -6.30
C VAL D 398 -4.39 -7.03 -5.29
N ILE D 399 -5.59 -7.38 -5.75
CA ILE D 399 -6.60 -7.98 -4.88
C ILE D 399 -7.08 -9.26 -5.53
N ARG D 400 -7.82 -10.04 -4.75
CA ARG D 400 -8.46 -11.24 -5.25
C ARG D 400 -9.50 -10.85 -6.29
N GLY D 401 -9.72 -11.74 -7.25
CA GLY D 401 -10.65 -11.42 -8.32
C GLY D 401 -12.05 -11.14 -7.82
N ASP D 402 -12.53 -11.94 -6.85
CA ASP D 402 -13.88 -11.79 -6.36
C ASP D 402 -14.04 -10.57 -5.46
N GLU D 403 -12.94 -9.93 -5.09
CA GLU D 403 -12.94 -8.82 -4.15
C GLU D 403 -12.98 -7.47 -4.85
N VAL D 404 -13.05 -7.44 -6.18
CA VAL D 404 -12.97 -6.19 -6.92
C VAL D 404 -14.22 -5.35 -6.71
N ARG D 405 -15.38 -5.99 -6.53
CA ARG D 405 -16.62 -5.23 -6.42
C ARG D 405 -16.62 -4.29 -5.22
N GLN D 406 -15.72 -4.49 -4.26
CA GLN D 406 -15.61 -3.59 -3.13
C GLN D 406 -14.79 -2.35 -3.43
N ILE D 407 -14.10 -2.30 -4.57
CA ILE D 407 -13.38 -1.09 -4.99
C ILE D 407 -14.41 -0.25 -5.73
N ALA D 408 -15.20 0.48 -4.96
CA ALA D 408 -16.28 1.32 -5.45
C ALA D 408 -16.72 2.24 -4.34
N PRO D 409 -17.10 3.48 -4.63
CA PRO D 409 -17.48 4.41 -3.56
C PRO D 409 -18.68 3.90 -2.79
N GLY D 410 -18.58 3.96 -1.47
CA GLY D 410 -19.66 3.58 -0.59
C GLY D 410 -19.80 2.09 -0.33
N GLN D 411 -18.96 1.25 -0.94
CA GLN D 411 -19.06 -0.17 -0.71
C GLN D 411 -18.40 -0.54 0.62
N THR D 412 -18.66 -1.76 1.07
CA THR D 412 -18.11 -2.26 2.31
C THR D 412 -17.68 -3.71 2.13
N GLY D 413 -16.81 -4.15 3.01
CA GLY D 413 -16.20 -5.46 2.93
C GLY D 413 -14.86 -5.41 3.61
N ASN D 414 -14.09 -6.50 3.46
CA ASN D 414 -12.75 -6.52 4.02
C ASN D 414 -11.90 -5.40 3.42
N ILE D 415 -11.85 -5.34 2.09
CA ILE D 415 -10.97 -4.37 1.43
C ILE D 415 -11.42 -2.95 1.73
N ALA D 416 -12.71 -2.66 1.50
CA ALA D 416 -13.18 -1.30 1.67
C ALA D 416 -13.02 -0.82 3.10
N ASP D 417 -13.30 -1.69 4.07
CA ASP D 417 -13.26 -1.27 5.47
C ASP D 417 -11.85 -1.17 6.01
N TYR D 418 -10.93 -2.04 5.60
CA TYR D 418 -9.66 -2.16 6.30
C TYR D 418 -8.43 -1.91 5.45
N ASN D 419 -8.52 -2.00 4.13
CA ASN D 419 -7.35 -1.88 3.27
C ASN D 419 -7.36 -0.62 2.41
N TYR D 420 -8.41 -0.41 1.63
CA TYR D 420 -8.47 0.72 0.72
C TYR D 420 -9.90 1.20 0.64
N LYS D 421 -10.17 2.35 1.24
CA LYS D 421 -11.52 2.90 1.31
C LYS D 421 -11.68 4.06 0.35
N LEU D 422 -12.73 4.02 -0.47
CA LEU D 422 -12.99 5.09 -1.41
C LEU D 422 -14.09 6.00 -0.90
N PRO D 423 -13.93 7.31 -1.04
CA PRO D 423 -14.94 8.24 -0.54
C PRO D 423 -16.19 8.23 -1.39
N ASP D 424 -17.29 8.70 -0.79
CA ASP D 424 -18.57 8.68 -1.48
C ASP D 424 -18.63 9.67 -2.63
N ASP D 425 -17.86 10.76 -2.56
CA ASP D 425 -17.79 11.75 -3.62
C ASP D 425 -16.65 11.47 -4.59
N PHE D 426 -16.34 10.20 -4.82
CA PHE D 426 -15.15 9.84 -5.57
C PHE D 426 -15.27 10.26 -7.03
N THR D 427 -14.30 11.07 -7.48
CA THR D 427 -14.14 11.44 -8.88
C THR D 427 -12.79 10.90 -9.32
N GLY D 428 -12.77 10.24 -10.47
CA GLY D 428 -11.63 9.43 -10.87
C GLY D 428 -12.13 8.02 -10.99
N CYS D 429 -11.31 7.05 -11.40
CA CYS D 429 -11.92 5.75 -11.61
C CYS D 429 -10.93 4.60 -11.71
N VAL D 430 -11.53 3.41 -11.83
CA VAL D 430 -10.98 2.13 -11.41
C VAL D 430 -10.90 1.22 -12.60
N ILE D 431 -9.76 0.55 -12.77
CA ILE D 431 -9.71 -0.54 -13.72
C ILE D 431 -9.17 -1.75 -12.99
N ALA D 432 -9.35 -2.91 -13.60
CA ALA D 432 -8.82 -4.15 -13.06
C ALA D 432 -8.76 -5.17 -14.17
N TRP D 433 -7.63 -5.85 -14.28
CA TRP D 433 -7.46 -6.87 -15.30
C TRP D 433 -6.82 -8.09 -14.67
N ASN D 434 -7.29 -9.27 -15.05
CA ASN D 434 -6.78 -10.50 -14.48
C ASN D 434 -5.29 -10.58 -14.70
N SER D 435 -4.57 -11.07 -13.70
CA SER D 435 -3.12 -11.08 -13.70
C SER D 435 -2.60 -12.42 -13.21
N ASN D 436 -3.27 -13.50 -13.59
CA ASN D 436 -2.94 -14.81 -13.03
C ASN D 436 -1.53 -15.24 -13.39
N ASN D 437 -1.15 -15.10 -14.66
CA ASN D 437 0.16 -15.58 -15.10
C ASN D 437 1.28 -14.80 -14.45
N LEU D 438 1.13 -13.47 -14.34
CA LEU D 438 2.19 -12.65 -13.76
C LEU D 438 2.38 -12.94 -12.28
N ASP D 439 1.28 -13.12 -11.55
CA ASP D 439 1.31 -13.12 -10.09
C ASP D 439 1.31 -14.50 -9.47
N SER D 440 0.43 -15.40 -9.88
CA SER D 440 0.29 -16.68 -9.21
C SER D 440 1.37 -17.64 -9.67
N LYS D 441 2.11 -18.17 -8.72
CA LYS D 441 3.14 -19.18 -8.96
C LYS D 441 2.89 -20.36 -8.04
N VAL D 442 3.34 -21.53 -8.49
CA VAL D 442 3.08 -22.76 -7.74
C VAL D 442 3.73 -22.67 -6.37
N GLY D 443 3.03 -23.17 -5.36
CA GLY D 443 3.52 -23.16 -4.00
C GLY D 443 3.16 -21.93 -3.19
N GLY D 444 2.36 -21.02 -3.75
CA GLY D 444 1.94 -19.84 -3.01
C GLY D 444 2.81 -18.62 -3.25
N ASN D 445 2.18 -17.51 -3.60
CA ASN D 445 2.86 -16.24 -3.80
C ASN D 445 2.59 -15.39 -2.56
N TYR D 446 3.56 -15.36 -1.65
CA TYR D 446 3.41 -14.67 -0.38
C TYR D 446 3.81 -13.21 -0.45
N ASN D 447 3.92 -12.66 -1.66
CA ASN D 447 4.25 -11.25 -1.82
C ASN D 447 3.05 -10.35 -1.58
N TYR D 448 1.84 -10.91 -1.55
CA TYR D 448 0.62 -10.13 -1.48
C TYR D 448 -0.09 -10.42 -0.17
N LEU D 449 -0.48 -9.35 0.52
CA LEU D 449 -1.06 -9.42 1.85
C LEU D 449 -2.24 -8.48 1.91
N TYR D 450 -3.15 -8.73 2.83
CA TYR D 450 -4.25 -7.80 3.08
C TYR D 450 -4.50 -7.70 4.56
N ARG D 451 -4.97 -6.52 4.97
CA ARG D 451 -5.31 -6.30 6.37
C ARG D 451 -6.57 -7.07 6.71
N LEU D 452 -6.59 -7.65 7.89
CA LEU D 452 -7.60 -8.62 8.27
C LEU D 452 -8.49 -8.13 9.40
N PHE D 453 -7.89 -7.61 10.48
CA PHE D 453 -8.60 -6.99 11.58
C PHE D 453 -8.24 -5.52 11.65
N ARG D 454 -9.16 -4.73 12.20
CA ARG D 454 -8.89 -3.34 12.50
C ARG D 454 -10.02 -2.82 13.38
N LYS D 455 -9.66 -2.10 14.43
CA LYS D 455 -10.68 -1.63 15.37
C LYS D 455 -11.58 -0.56 14.79
N SER D 456 -11.19 0.06 13.68
CA SER D 456 -11.98 1.14 13.09
C SER D 456 -11.81 1.13 11.58
N ASN D 457 -12.89 1.44 10.88
CA ASN D 457 -12.82 1.51 9.42
C ASN D 457 -11.91 2.65 9.00
N LEU D 458 -11.28 2.47 7.83
CA LEU D 458 -10.35 3.47 7.35
C LEU D 458 -11.07 4.75 6.93
N LYS D 459 -10.43 5.88 7.20
CA LYS D 459 -10.82 7.11 6.54
C LYS D 459 -10.53 6.99 5.04
N PRO D 460 -11.34 7.62 4.20
CA PRO D 460 -11.17 7.42 2.76
C PRO D 460 -9.80 7.89 2.29
N PHE D 461 -9.23 7.11 1.35
CA PHE D 461 -7.93 7.39 0.76
C PHE D 461 -6.81 7.43 1.80
N GLU D 462 -6.95 6.63 2.85
CA GLU D 462 -6.00 6.61 3.95
C GLU D 462 -5.53 5.18 4.16
N ARG D 463 -4.22 5.00 4.25
CA ARG D 463 -3.62 3.68 4.44
C ARG D 463 -2.97 3.62 5.82
N ASP D 464 -3.03 2.44 6.43
CA ASP D 464 -2.33 2.20 7.68
C ASP D 464 -1.33 1.07 7.51
N ILE D 465 -0.21 1.19 8.21
CA ILE D 465 0.85 0.21 8.18
C ILE D 465 1.10 -0.41 9.54
N SER D 466 0.32 -0.03 10.55
CA SER D 466 0.42 -0.62 11.87
C SER D 466 0.34 -2.13 11.78
N THR D 467 1.26 -2.81 12.46
CA THR D 467 1.40 -4.25 12.32
C THR D 467 1.52 -4.92 13.68
N GLU D 468 1.03 -4.27 14.73
CA GLU D 468 1.02 -4.89 16.05
C GLU D 468 0.05 -6.05 16.08
N ILE D 469 0.42 -7.08 16.83
CA ILE D 469 -0.43 -8.26 16.96
C ILE D 469 -1.79 -7.84 17.47
N TYR D 470 -2.82 -8.09 16.68
CA TYR D 470 -4.16 -7.61 17.00
C TYR D 470 -4.73 -8.40 18.17
N GLN D 471 -4.95 -7.72 19.29
CA GLN D 471 -5.52 -8.34 20.47
C GLN D 471 -7.03 -8.41 20.29
N ALA D 472 -7.54 -9.59 19.96
CA ALA D 472 -8.97 -9.78 19.74
C ALA D 472 -9.68 -10.33 20.96
N GLY D 473 -9.02 -10.38 22.11
CA GLY D 473 -9.67 -10.82 23.32
C GLY D 473 -9.43 -9.84 24.46
N SER D 474 -9.89 -10.20 25.66
CA SER D 474 -9.65 -9.33 26.81
C SER D 474 -8.28 -9.55 27.42
N THR D 475 -7.80 -10.78 27.45
CA THR D 475 -6.52 -11.08 28.07
C THR D 475 -5.40 -10.44 27.27
N PRO D 476 -4.37 -9.90 27.92
CA PRO D 476 -3.21 -9.41 27.17
C PRO D 476 -2.35 -10.57 26.70
N CYS D 477 -1.53 -10.30 25.69
CA CYS D 477 -0.55 -11.29 25.24
C CYS D 477 0.79 -10.68 24.89
N ASN D 478 0.91 -9.36 25.00
CA ASN D 478 2.20 -8.66 24.97
C ASN D 478 2.94 -8.83 23.66
N GLY D 479 2.24 -8.72 22.53
CA GLY D 479 2.91 -8.82 21.25
C GLY D 479 3.37 -10.21 20.88
N VAL D 480 2.83 -11.25 21.51
CA VAL D 480 3.16 -12.63 21.20
C VAL D 480 1.96 -13.24 20.49
N LYS D 481 2.16 -13.67 19.26
CA LYS D 481 1.06 -14.23 18.47
C LYS D 481 0.59 -15.53 19.09
N GLY D 482 -0.72 -15.72 19.13
CA GLY D 482 -1.28 -16.91 19.72
C GLY D 482 -2.78 -16.87 19.65
N PHE D 483 -3.42 -17.66 20.51
CA PHE D 483 -4.87 -17.64 20.57
C PHE D 483 -5.36 -16.29 21.08
N ASN D 484 -6.40 -15.77 20.44
CA ASN D 484 -7.05 -14.50 20.71
C ASN D 484 -6.19 -13.30 20.34
N CYS D 485 -4.97 -13.50 19.88
CA CYS D 485 -4.14 -12.42 19.32
C CYS D 485 -3.68 -12.86 17.95
N TYR D 486 -4.27 -12.27 16.92
CA TYR D 486 -4.01 -12.68 15.55
C TYR D 486 -3.23 -11.59 14.83
N PHE D 487 -2.25 -12.01 14.04
CA PHE D 487 -1.52 -11.09 13.19
C PHE D 487 -2.50 -10.46 12.21
N PRO D 488 -2.50 -9.14 12.05
CA PRO D 488 -3.53 -8.48 11.25
C PRO D 488 -3.39 -8.64 9.76
N LEU D 489 -2.32 -9.25 9.26
CA LEU D 489 -2.10 -9.42 7.84
C LEU D 489 -2.19 -10.88 7.44
N GLN D 490 -2.84 -11.14 6.32
CA GLN D 490 -3.05 -12.49 5.82
C GLN D 490 -2.60 -12.54 4.37
N SER D 491 -2.01 -13.65 3.97
CA SER D 491 -1.49 -13.78 2.61
C SER D 491 -2.56 -14.31 1.67
N TYR D 492 -2.60 -13.74 0.46
CA TYR D 492 -3.57 -14.20 -0.53
C TYR D 492 -3.25 -15.61 -0.99
N GLY D 493 -1.97 -15.94 -1.15
CA GLY D 493 -1.58 -17.28 -1.51
C GLY D 493 -2.05 -17.70 -2.88
N PHE D 494 -1.85 -16.83 -3.88
CA PHE D 494 -2.33 -17.11 -5.22
C PHE D 494 -1.72 -18.38 -5.79
N GLN D 495 -2.56 -19.20 -6.40
CA GLN D 495 -2.18 -20.42 -7.11
C GLN D 495 -2.68 -20.34 -8.55
N PRO D 496 -1.89 -20.82 -9.51
CA PRO D 496 -2.37 -20.83 -10.91
C PRO D 496 -3.56 -21.73 -11.12
N THR D 497 -3.83 -22.68 -10.22
CA THR D 497 -4.93 -23.61 -10.38
C THR D 497 -6.24 -23.09 -9.82
N TYR D 498 -6.25 -21.91 -9.19
CA TYR D 498 -7.47 -21.36 -8.65
C TYR D 498 -8.43 -20.99 -9.79
N GLY D 499 -9.68 -20.74 -9.41
CA GLY D 499 -10.65 -20.24 -10.36
C GLY D 499 -10.50 -18.75 -10.58
N VAL D 500 -11.29 -18.23 -11.53
CA VAL D 500 -11.25 -16.81 -11.82
C VAL D 500 -11.72 -15.98 -10.64
N GLY D 501 -12.49 -16.58 -9.73
CA GLY D 501 -12.92 -15.84 -8.55
C GLY D 501 -11.77 -15.53 -7.61
N TYR D 502 -10.85 -16.47 -7.44
CA TYR D 502 -9.73 -16.31 -6.51
C TYR D 502 -8.44 -15.90 -7.20
N GLN D 503 -8.46 -15.71 -8.50
CA GLN D 503 -7.24 -15.34 -9.19
C GLN D 503 -6.94 -13.87 -8.97
N PRO D 504 -5.68 -13.47 -9.09
CA PRO D 504 -5.31 -12.08 -8.77
C PRO D 504 -5.75 -11.12 -9.85
N TYR D 505 -6.29 -9.98 -9.42
CA TYR D 505 -6.66 -8.90 -10.33
C TYR D 505 -5.86 -7.67 -9.95
N ARG D 506 -4.90 -7.30 -10.78
CA ARG D 506 -4.24 -6.02 -10.58
C ARG D 506 -5.24 -4.91 -10.75
N VAL D 507 -5.16 -3.90 -9.88
CA VAL D 507 -6.14 -2.82 -9.86
C VAL D 507 -5.39 -1.50 -9.90
N VAL D 508 -5.95 -0.53 -10.61
CA VAL D 508 -5.45 0.84 -10.61
C VAL D 508 -6.63 1.77 -10.42
N VAL D 509 -6.53 2.68 -9.47
CA VAL D 509 -7.64 3.55 -9.09
C VAL D 509 -7.19 4.98 -9.33
N LEU D 510 -7.50 5.52 -10.51
CA LEU D 510 -7.17 6.90 -10.82
C LEU D 510 -8.09 7.86 -10.09
N SER D 511 -7.54 8.99 -9.69
CA SER D 511 -8.30 10.04 -9.03
C SER D 511 -7.91 11.38 -9.63
N PHE D 512 -8.79 12.36 -9.48
CA PHE D 512 -8.61 13.66 -10.10
C PHE D 512 -8.89 14.75 -9.08
N GLU D 513 -8.75 15.99 -9.52
CA GLU D 513 -9.07 17.15 -8.68
C GLU D 513 -10.41 17.76 -9.12
N LEU E 3 25.97 -19.15 -4.47
CA LEU E 3 26.89 -18.96 -5.60
C LEU E 3 28.31 -19.09 -5.03
N PRO E 4 29.28 -19.66 -5.77
CA PRO E 4 30.65 -19.74 -5.30
C PRO E 4 31.63 -18.64 -5.66
N GLN E 5 32.89 -18.80 -5.26
CA GLN E 5 33.98 -17.84 -5.48
C GLN E 5 35.11 -18.47 -4.69
N PRO E 6 36.41 -18.26 -4.96
CA PRO E 6 37.43 -18.97 -4.22
C PRO E 6 37.35 -18.55 -2.75
N PRO E 7 37.72 -19.40 -1.78
CA PRO E 7 37.73 -19.01 -0.39
C PRO E 7 38.43 -17.66 -0.18
N SER E 8 39.75 -17.61 -0.34
CA SER E 8 40.47 -16.33 -0.09
C SER E 8 41.74 -16.26 -0.92
N VAL E 9 42.09 -15.05 -1.37
CA VAL E 9 43.29 -14.85 -2.22
C VAL E 9 44.23 -13.87 -1.50
N SER E 10 45.39 -13.60 -2.10
CA SER E 10 46.35 -12.61 -1.54
C SER E 10 47.21 -12.10 -2.69
N VAL E 11 47.93 -11.00 -2.50
CA VAL E 11 48.72 -10.40 -3.57
C VAL E 11 49.78 -9.49 -2.95
N ALA E 12 50.98 -9.53 -3.54
CA ALA E 12 51.99 -8.54 -3.21
C ALA E 12 51.66 -7.21 -3.91
N PRO E 13 51.96 -6.09 -3.27
CA PRO E 13 51.57 -4.79 -3.86
C PRO E 13 52.15 -4.59 -5.24
N GLY E 14 51.37 -3.97 -6.11
CA GLY E 14 51.78 -3.69 -7.47
C GLY E 14 51.72 -4.88 -8.41
N LYS E 15 51.20 -6.02 -7.97
CA LYS E 15 51.08 -7.19 -8.81
C LYS E 15 49.68 -7.25 -9.41
N THR E 16 49.33 -8.37 -10.03
CA THR E 16 48.03 -8.57 -10.65
C THR E 16 47.26 -9.61 -9.86
N ALA E 17 46.04 -9.26 -9.44
CA ALA E 17 45.23 -10.11 -8.58
C ALA E 17 43.98 -10.55 -9.33
N ARG E 18 43.72 -11.86 -9.31
CA ARG E 18 42.73 -12.49 -10.17
C ARG E 18 41.69 -13.15 -9.28
N ILE E 19 40.41 -12.86 -9.51
CA ILE E 19 39.33 -13.41 -8.70
C ILE E 19 38.24 -13.96 -9.61
N THR E 20 37.83 -15.20 -9.36
CA THR E 20 36.86 -15.88 -10.20
C THR E 20 35.53 -16.00 -9.46
N CYS E 21 34.48 -15.44 -10.04
CA CYS E 21 33.11 -15.59 -9.53
C CYS E 21 32.50 -16.82 -10.19
N GLY E 22 32.57 -17.95 -9.50
CA GLY E 22 32.03 -19.18 -10.04
C GLY E 22 30.52 -19.12 -10.15
N SER E 30 24.78 -9.96 -16.17
CA SER E 30 26.15 -9.49 -15.83
C SER E 30 26.44 -9.71 -14.34
N VAL E 31 27.68 -9.98 -14.01
CA VAL E 31 28.05 -10.11 -12.57
C VAL E 31 28.39 -8.70 -12.09
N HIS E 32 27.80 -8.25 -11.00
CA HIS E 32 27.99 -6.87 -10.54
C HIS E 32 28.83 -6.91 -9.28
N TRP E 33 30.10 -7.23 -9.38
CA TRP E 33 31.03 -7.38 -8.24
C TRP E 33 30.89 -6.32 -7.16
N TYR E 34 31.11 -6.65 -5.88
CA TYR E 34 31.07 -5.63 -4.79
C TYR E 34 32.30 -5.73 -3.90
N GLN E 35 32.54 -4.71 -3.06
CA GLN E 35 33.76 -4.71 -2.22
C GLN E 35 33.43 -4.11 -0.87
N GLN E 36 33.83 -4.74 0.22
CA GLN E 36 33.49 -4.25 1.54
C GLN E 36 34.77 -4.16 2.32
N LYS E 37 35.08 -3.01 2.90
CA LYS E 37 36.29 -2.84 3.72
C LYS E 37 36.00 -3.38 5.11
N PRO E 38 37.01 -3.89 5.83
CA PRO E 38 36.85 -4.34 7.19
C PRO E 38 35.76 -3.57 7.91
N ARG E 39 34.63 -4.21 8.16
CA ARG E 39 33.51 -3.59 8.91
C ARG E 39 33.06 -2.30 8.25
N GLN E 40 32.30 -2.42 7.16
CA GLN E 40 31.73 -1.21 6.51
C GLN E 40 30.54 -1.64 5.67
N ALA E 41 29.96 -0.72 4.92
CA ALA E 41 28.86 -1.06 4.00
C ALA E 41 29.43 -1.43 2.64
N PRO E 42 29.33 -2.71 2.24
CA PRO E 42 29.91 -3.15 0.98
C PRO E 42 29.63 -2.19 -0.17
N VAL E 43 30.64 -1.75 -0.91
CA VAL E 43 30.41 -0.72 -1.96
C VAL E 43 30.72 -1.32 -3.32
N VAL E 44 30.22 -0.76 -4.41
CA VAL E 44 30.34 -1.39 -5.72
C VAL E 44 31.72 -1.07 -6.30
N VAL E 45 32.17 -1.92 -7.21
CA VAL E 45 33.35 -1.62 -8.01
C VAL E 45 33.11 -1.71 -9.51
N MET E 46 32.17 -2.52 -9.99
CA MET E 46 31.96 -2.63 -11.43
C MET E 46 30.56 -3.20 -11.65
N TYR E 47 29.98 -2.94 -12.82
CA TYR E 47 28.56 -3.34 -13.04
C TYR E 47 28.45 -4.13 -14.34
N ARG E 59 42.24 0.34 -12.98
CA ARG E 59 42.94 -0.76 -12.25
C ARG E 59 41.98 -1.95 -12.13
N PHE E 60 40.72 -1.71 -11.77
CA PHE E 60 39.68 -2.77 -11.69
C PHE E 60 39.02 -2.87 -13.07
N SER E 61 38.65 -4.08 -13.48
CA SER E 61 38.03 -4.30 -14.81
C SER E 61 37.35 -5.65 -14.82
N GLY E 62 36.31 -5.80 -15.65
CA GLY E 62 35.52 -7.05 -15.65
C GLY E 62 35.46 -7.74 -16.99
N SER E 63 36.46 -8.55 -17.30
CA SER E 63 36.37 -9.37 -18.52
C SER E 63 35.51 -10.60 -18.20
N ASN E 64 34.39 -10.79 -18.90
CA ASN E 64 33.52 -11.98 -18.70
C ASN E 64 33.78 -12.95 -19.84
N ALA E 69 33.50 -14.22 -14.43
CA ALA E 69 34.40 -13.12 -14.86
C ALA E 69 35.48 -12.86 -13.81
N THR E 70 36.04 -11.65 -13.80
CA THR E 70 37.11 -11.30 -12.82
C THR E 70 37.16 -9.81 -12.60
N LEU E 71 37.49 -9.37 -11.38
CA LEU E 71 37.73 -7.93 -11.17
C LEU E 71 39.25 -7.80 -11.15
N ILE E 72 39.88 -7.62 -12.30
CA ILE E 72 41.36 -7.68 -12.35
C ILE E 72 41.95 -6.53 -11.54
N ILE E 73 43.08 -6.73 -10.87
CA ILE E 73 43.59 -5.62 -10.02
C ILE E 73 45.08 -5.35 -10.26
N SER E 74 45.43 -4.16 -10.77
CA SER E 74 46.85 -3.81 -10.96
C SER E 74 47.13 -2.39 -10.42
N ALA E 82 40.21 -6.37 0.38
CA ALA E 82 39.13 -6.54 1.37
C ALA E 82 38.20 -7.64 0.89
N GLU E 83 36.98 -7.69 1.42
CA GLU E 83 36.08 -8.80 1.06
C GLU E 83 35.40 -8.47 -0.25
N TYR E 84 35.46 -9.36 -1.22
CA TYR E 84 34.89 -9.08 -2.56
C TYR E 84 33.78 -10.07 -2.87
N TYR E 85 32.62 -9.60 -3.32
CA TYR E 85 31.46 -10.50 -3.52
C TYR E 85 30.85 -10.21 -4.89
N CYS E 86 30.01 -11.09 -5.49
CA CYS E 86 29.33 -10.79 -6.78
C CYS E 86 27.83 -10.63 -6.56
N GLN E 87 27.04 -10.20 -7.55
CA GLN E 87 25.57 -10.17 -7.40
C GLN E 87 24.93 -10.56 -8.70
N VAL E 88 25.05 -11.79 -9.12
CA VAL E 88 24.30 -12.17 -10.34
C VAL E 88 22.79 -12.31 -10.07
N TRP E 89 21.96 -11.39 -10.57
CA TRP E 89 20.48 -11.44 -10.39
C TRP E 89 19.90 -12.57 -11.20
N ASP E 90 19.78 -13.75 -10.62
CA ASP E 90 19.14 -14.87 -11.32
C ASP E 90 17.82 -14.37 -11.86
N ARG E 91 17.55 -14.58 -13.14
CA ARG E 91 16.21 -14.19 -13.66
C ARG E 91 15.30 -15.41 -13.61
N SER E 92 15.87 -16.57 -13.29
CA SER E 92 15.03 -17.78 -13.11
C SER E 92 14.35 -17.73 -11.75
N SER E 93 15.01 -17.18 -10.73
CA SER E 93 14.34 -17.05 -9.42
C SER E 93 13.97 -15.60 -9.16
N ASP E 94 14.51 -14.67 -9.95
CA ASP E 94 14.22 -13.22 -9.80
C ASP E 94 14.67 -12.68 -8.44
N GLN E 95 15.84 -13.06 -7.95
CA GLN E 95 16.30 -12.45 -6.68
C GLN E 95 17.80 -12.44 -6.67
N PRO E 96 18.47 -11.40 -6.16
CA PRO E 96 19.89 -11.39 -6.21
C PRO E 96 20.51 -12.56 -5.50
N VAL E 97 21.58 -13.14 -6.05
CA VAL E 97 22.25 -14.31 -5.46
C VAL E 97 23.71 -13.91 -5.38
N PHE E 98 24.04 -13.28 -4.27
CA PHE E 98 25.40 -12.80 -4.04
C PHE E 98 26.11 -14.03 -3.60
N GLY E 99 27.16 -14.37 -4.29
CA GLY E 99 27.92 -15.50 -3.78
C GLY E 99 29.08 -15.00 -2.97
N GLY E 100 29.03 -15.15 -1.66
CA GLY E 100 30.18 -14.78 -0.82
C GLY E 100 31.45 -14.97 -1.61
N GLY E 101 32.12 -13.88 -1.96
CA GLY E 101 33.28 -13.97 -2.86
C GLY E 101 34.58 -14.37 -2.22
N THR E 102 35.46 -13.42 -1.97
CA THR E 102 36.80 -13.79 -1.45
C THR E 102 37.41 -12.59 -0.73
N LYS E 103 38.49 -12.81 0.01
CA LYS E 103 39.19 -11.69 0.67
C LYS E 103 40.51 -11.45 -0.05
N LEU E 104 40.73 -10.27 -0.61
CA LEU E 104 42.05 -9.99 -1.19
C LEU E 104 42.89 -9.34 -0.10
N TYR F 28 21.05 50.42 1.14
CA TYR F 28 21.12 51.72 0.51
C TYR F 28 19.82 52.00 -0.25
N THR F 29 19.76 53.15 -0.91
CA THR F 29 18.62 53.53 -1.73
C THR F 29 19.12 54.11 -3.05
N ASN F 30 18.27 54.04 -4.07
CA ASN F 30 18.62 54.52 -5.40
C ASN F 30 17.35 54.79 -6.19
N SER F 31 17.51 55.40 -7.36
CA SER F 31 16.42 55.67 -8.27
C SER F 31 16.81 55.21 -9.67
N PHE F 32 15.81 55.11 -10.54
CA PHE F 32 15.99 54.53 -11.86
C PHE F 32 15.00 55.09 -12.87
N THR F 33 14.90 54.46 -14.04
CA THR F 33 13.92 54.83 -15.05
C THR F 33 13.33 53.60 -15.73
N ARG F 34 13.65 52.42 -15.21
CA ARG F 34 13.41 51.16 -15.92
C ARG F 34 12.43 50.28 -15.15
N GLY F 35 12.26 49.06 -15.63
CA GLY F 35 11.34 48.11 -15.06
C GLY F 35 10.16 47.73 -15.93
N VAL F 36 10.20 48.01 -17.23
CA VAL F 36 9.08 47.77 -18.12
C VAL F 36 9.28 46.42 -18.80
N TYR F 37 8.26 45.58 -18.73
CA TYR F 37 8.21 44.30 -19.40
C TYR F 37 6.99 44.25 -20.31
N TYR F 38 6.89 43.18 -21.09
CA TYR F 38 5.74 43.04 -21.96
C TYR F 38 4.50 42.71 -21.12
N PRO F 39 3.38 43.41 -21.32
CA PRO F 39 2.34 43.46 -20.29
C PRO F 39 1.62 42.14 -20.04
N ASP F 40 2.37 41.08 -19.70
CA ASP F 40 1.80 39.79 -19.34
C ASP F 40 1.00 39.18 -20.48
N LYS F 41 1.00 39.82 -21.64
CA LYS F 41 0.25 39.34 -22.79
C LYS F 41 1.10 39.44 -24.05
N VAL F 42 0.98 38.41 -24.89
CA VAL F 42 1.98 38.07 -25.88
C VAL F 42 1.55 38.52 -27.26
N PHE F 43 0.74 39.57 -27.30
CA PHE F 43 0.25 40.13 -28.54
C PHE F 43 1.38 40.91 -29.19
N ARG F 44 1.36 40.98 -30.52
CA ARG F 44 2.17 41.98 -31.21
C ARG F 44 1.32 43.21 -31.47
N SER F 45 1.96 44.39 -31.42
CA SER F 45 1.37 45.61 -31.92
C SER F 45 2.48 46.47 -32.51
N HIS F 49 0.04 51.62 -26.80
CA HIS F 49 -0.99 50.87 -26.10
C HIS F 49 -0.95 51.21 -24.61
N SER F 50 -2.12 51.11 -23.97
CA SER F 50 -2.27 51.43 -22.56
C SER F 50 -2.66 50.17 -21.79
N THR F 51 -1.96 49.92 -20.69
CA THR F 51 -2.18 48.73 -19.89
C THR F 51 -2.28 49.09 -18.42
N GLN F 52 -3.27 48.51 -17.73
CA GLN F 52 -3.39 48.63 -16.28
C GLN F 52 -2.92 47.31 -15.66
N ASP F 53 -1.61 47.21 -15.47
CA ASP F 53 -0.98 46.00 -14.96
C ASP F 53 -0.08 46.35 -13.77
N LEU F 54 0.61 45.34 -13.25
CA LEU F 54 1.53 45.50 -12.14
C LEU F 54 2.88 45.97 -12.71
N PHE F 55 3.24 47.21 -12.43
CA PHE F 55 4.45 47.80 -12.99
C PHE F 55 5.29 48.42 -11.89
N LEU F 56 6.47 48.85 -12.27
CA LEU F 56 7.45 49.47 -11.39
C LEU F 56 7.51 50.97 -11.67
N PRO F 57 7.21 51.81 -10.68
CA PRO F 57 7.23 53.26 -10.92
C PRO F 57 8.60 53.73 -11.38
N PHE F 58 8.60 54.70 -12.30
CA PHE F 58 9.82 55.05 -13.03
C PHE F 58 10.93 55.54 -12.12
N PHE F 59 10.73 56.70 -11.49
CA PHE F 59 11.69 57.23 -10.53
C PHE F 59 11.22 56.89 -9.12
N SER F 60 11.39 55.64 -8.75
CA SER F 60 10.96 55.11 -7.47
C SER F 60 12.16 54.76 -6.61
N ASN F 61 11.88 54.48 -5.34
CA ASN F 61 12.93 54.11 -4.40
C ASN F 61 13.26 52.63 -4.54
N VAL F 62 14.49 52.35 -4.99
CA VAL F 62 14.97 50.98 -5.11
C VAL F 62 16.10 50.79 -4.10
N THR F 63 16.18 49.59 -3.55
CA THR F 63 17.05 49.30 -2.42
C THR F 63 18.34 48.64 -2.90
N TRP F 64 19.40 49.44 -2.97
CA TRP F 64 20.76 48.95 -3.22
C TRP F 64 21.21 48.09 -2.06
N PHE F 65 21.61 46.85 -2.33
CA PHE F 65 22.03 45.91 -1.30
C PHE F 65 23.47 45.47 -1.53
N HIS F 66 24.13 45.08 -0.44
CA HIS F 66 25.44 44.46 -0.49
C HIS F 66 25.48 43.22 0.39
N ASN F 81 22.30 39.48 2.22
CA ASN F 81 21.24 38.56 1.80
C ASN F 81 20.16 38.41 2.87
N PRO F 82 19.34 39.43 3.04
CA PRO F 82 18.23 39.36 3.98
C PRO F 82 17.04 38.66 3.32
N VAL F 83 16.01 38.40 4.13
CA VAL F 83 14.78 37.83 3.61
C VAL F 83 13.77 38.94 3.36
N LEU F 84 13.76 39.45 2.14
CA LEU F 84 12.90 40.56 1.80
C LEU F 84 11.49 40.08 1.49
N PRO F 85 10.47 40.88 1.74
CA PRO F 85 9.11 40.50 1.35
C PRO F 85 8.95 40.53 -0.16
N PHE F 86 7.91 39.82 -0.62
CA PHE F 86 7.59 39.76 -2.05
C PHE F 86 6.58 40.80 -2.47
N ASN F 87 5.66 41.19 -1.58
CA ASN F 87 4.59 42.14 -1.87
C ASN F 87 3.77 41.57 -3.03
N ASP F 88 3.68 42.23 -4.18
CA ASP F 88 3.02 41.68 -5.35
C ASP F 88 3.99 41.34 -6.48
N GLY F 89 5.19 41.87 -6.45
CA GLY F 89 6.21 41.57 -7.45
C GLY F 89 7.48 42.29 -7.07
N VAL F 90 8.58 41.83 -7.66
CA VAL F 90 9.88 42.40 -7.35
C VAL F 90 10.63 42.65 -8.65
N TYR F 91 11.44 43.72 -8.65
CA TYR F 91 12.42 43.96 -9.69
C TYR F 91 13.80 43.61 -9.13
N PHE F 92 14.51 42.73 -9.82
CA PHE F 92 15.82 42.29 -9.39
C PHE F 92 16.85 42.65 -10.45
N ALA F 93 18.00 43.15 -10.02
CA ALA F 93 19.08 43.47 -10.94
C ALA F 93 20.41 43.38 -10.20
N SER F 94 21.45 42.98 -10.92
CA SER F 94 22.77 42.86 -10.34
C SER F 94 23.81 42.94 -11.46
N THR F 95 24.97 43.48 -11.12
CA THR F 95 26.06 43.60 -12.09
C THR F 95 27.21 42.66 -11.74
N ARG F 102 23.40 33.50 -7.38
CA ARG F 102 23.11 32.84 -8.65
C ARG F 102 21.80 32.07 -8.59
N GLY F 103 20.87 32.54 -7.77
CA GLY F 103 19.60 31.87 -7.63
C GLY F 103 18.68 32.62 -6.69
N TRP F 104 17.48 32.07 -6.52
CA TRP F 104 16.48 32.68 -5.65
C TRP F 104 15.70 31.58 -4.95
N ILE F 105 15.21 31.90 -3.76
CA ILE F 105 14.34 31.03 -2.99
C ILE F 105 13.11 31.83 -2.59
N PHE F 106 11.93 31.34 -2.99
CA PHE F 106 10.69 32.05 -2.70
C PHE F 106 9.82 31.18 -1.80
N GLY F 107 8.85 31.79 -1.15
CA GLY F 107 7.92 31.05 -0.33
C GLY F 107 7.21 31.95 0.67
N THR F 108 6.42 31.31 1.53
CA THR F 108 5.68 32.00 2.58
C THR F 108 6.40 31.90 3.92
N THR F 109 6.64 30.68 4.38
CA THR F 109 7.33 30.44 5.64
C THR F 109 8.73 29.88 5.45
N LEU F 110 9.07 29.41 4.24
CA LEU F 110 10.39 28.85 3.95
C LEU F 110 10.73 27.70 4.89
N ASP F 111 9.72 26.91 5.23
CA ASP F 111 9.84 25.78 6.14
C ASP F 111 9.18 24.56 5.47
N SER F 112 9.19 23.43 6.17
CA SER F 112 8.50 22.24 5.68
C SER F 112 6.99 22.33 5.82
N LYS F 113 6.48 23.31 6.57
CA LYS F 113 5.04 23.48 6.70
C LYS F 113 4.40 23.85 5.36
N THR F 114 5.11 24.63 4.54
CA THR F 114 4.57 25.14 3.28
C THR F 114 5.56 24.85 2.16
N GLN F 115 5.04 24.85 0.93
CA GLN F 115 5.88 24.67 -0.24
C GLN F 115 6.62 25.95 -0.58
N SER F 116 7.85 25.80 -1.09
CA SER F 116 8.70 26.93 -1.40
C SER F 116 9.35 26.73 -2.76
N LEU F 117 9.47 27.82 -3.51
CA LEU F 117 10.07 27.83 -4.83
C LEU F 117 11.58 28.00 -4.71
N LEU F 118 12.31 27.28 -5.57
CA LEU F 118 13.77 27.30 -5.52
C LEU F 118 14.30 27.32 -6.94
N ILE F 119 15.14 28.31 -7.26
CA ILE F 119 15.76 28.45 -8.56
C ILE F 119 17.28 28.48 -8.36
N VAL F 120 17.98 27.64 -9.11
CA VAL F 120 19.44 27.60 -9.06
C VAL F 120 19.97 27.57 -10.49
N ASN F 121 21.05 28.30 -10.73
CA ASN F 121 21.67 28.39 -12.05
C ASN F 121 23.05 27.73 -12.00
N ASN F 122 23.20 26.63 -12.73
CA ASN F 122 24.50 25.99 -12.88
C ASN F 122 25.27 26.73 -13.97
N ALA F 123 26.47 26.23 -14.29
CA ALA F 123 27.21 26.77 -15.42
C ALA F 123 26.63 26.31 -16.75
N THR F 124 25.76 25.31 -16.74
CA THR F 124 25.20 24.72 -17.95
C THR F 124 23.68 24.63 -17.95
N ASN F 125 23.03 24.80 -16.80
CA ASN F 125 21.65 24.36 -16.64
C ASN F 125 21.00 25.14 -15.51
N VAL F 126 19.69 25.37 -15.64
CA VAL F 126 18.92 25.99 -14.57
C VAL F 126 17.92 24.96 -14.07
N VAL F 127 17.76 24.91 -12.75
CA VAL F 127 16.86 23.96 -12.10
C VAL F 127 15.85 24.74 -11.28
N ILE F 128 14.57 24.48 -11.50
CA ILE F 128 13.50 25.10 -10.72
C ILE F 128 12.69 23.98 -10.08
N LYS F 129 12.65 23.98 -8.76
CA LYS F 129 11.94 22.95 -8.00
C LYS F 129 11.13 23.64 -6.91
N VAL F 130 9.99 23.06 -6.55
CA VAL F 130 9.16 23.57 -5.47
C VAL F 130 8.87 22.44 -4.48
N CYS F 131 9.79 22.25 -3.53
CA CYS F 131 9.62 21.22 -2.52
C CYS F 131 9.45 21.89 -1.17
N GLU F 132 9.07 21.10 -0.16
CA GLU F 132 8.94 21.64 1.20
C GLU F 132 10.34 21.65 1.80
N PHE F 133 11.08 22.71 1.49
CA PHE F 133 12.49 22.81 1.85
C PHE F 133 12.63 23.22 3.31
N GLN F 134 13.62 22.65 3.99
CA GLN F 134 13.94 23.03 5.36
C GLN F 134 15.20 23.90 5.40
N TYR F 160 19.09 23.73 2.09
CA TYR F 160 17.95 23.11 2.76
C TYR F 160 18.42 21.80 3.39
N SER F 161 18.01 21.57 4.63
CA SER F 161 18.34 20.32 5.31
C SER F 161 17.39 19.19 4.96
N SER F 162 16.23 19.51 4.37
CA SER F 162 15.25 18.51 3.96
C SER F 162 14.47 19.03 2.77
N ALA F 163 13.95 18.10 1.97
CA ALA F 163 13.17 18.47 0.78
C ALA F 163 12.25 17.29 0.45
N ASN F 164 10.95 17.47 0.69
CA ASN F 164 9.95 16.44 0.45
C ASN F 164 8.69 17.06 -0.13
N ASN F 165 7.85 16.20 -0.70
CA ASN F 165 6.50 16.56 -1.15
C ASN F 165 6.52 17.71 -2.16
N CYS F 166 7.06 17.41 -3.34
CA CYS F 166 7.13 18.39 -4.40
C CYS F 166 6.67 17.86 -5.75
N THR F 167 6.02 18.73 -6.52
CA THR F 167 5.18 18.37 -7.65
C THR F 167 5.63 18.99 -8.96
N PHE F 168 6.67 19.83 -8.97
CA PHE F 168 7.06 20.52 -10.18
C PHE F 168 8.58 20.64 -10.22
N GLU F 169 9.17 20.24 -11.34
CA GLU F 169 10.61 20.40 -11.55
C GLU F 169 10.82 20.84 -12.99
N TYR F 170 11.55 21.94 -13.17
CA TYR F 170 11.81 22.51 -14.48
C TYR F 170 13.31 22.56 -14.72
N VAL F 171 13.74 22.13 -15.90
CA VAL F 171 15.15 22.02 -16.24
C VAL F 171 15.36 22.57 -17.65
N SER F 172 16.18 23.62 -17.77
CA SER F 172 16.50 24.19 -19.07
C SER F 172 17.77 25.04 -18.93
N GLN F 173 18.11 25.76 -20.00
CA GLN F 173 19.37 26.49 -20.03
C GLN F 173 19.38 27.59 -18.97
N PRO F 174 20.55 27.93 -18.44
CA PRO F 174 20.60 28.89 -17.33
C PRO F 174 20.20 30.28 -17.78
N PHE F 175 19.76 31.07 -16.80
CA PHE F 175 19.30 32.42 -17.05
C PHE F 175 20.45 33.34 -17.43
N LEU F 189 24.81 43.94 -17.34
CA LEU F 189 23.70 44.06 -16.39
C LEU F 189 22.68 42.94 -16.61
N ARG F 190 22.30 42.28 -15.51
CA ARG F 190 21.32 41.20 -15.54
C ARG F 190 20.16 41.61 -14.63
N GLU F 191 18.98 41.78 -15.22
CA GLU F 191 17.82 42.28 -14.50
C GLU F 191 16.60 41.39 -14.72
N PHE F 192 15.84 41.19 -13.65
CA PHE F 192 14.74 40.22 -13.63
C PHE F 192 13.51 40.85 -12.98
N VAL F 193 12.33 40.40 -13.42
CA VAL F 193 11.06 40.75 -12.80
C VAL F 193 10.30 39.46 -12.50
N PHE F 194 9.85 39.32 -11.25
CA PHE F 194 9.13 38.15 -10.81
C PHE F 194 7.75 38.55 -10.33
N LYS F 195 6.71 37.90 -10.85
CA LYS F 195 5.36 38.09 -10.37
C LYS F 195 4.66 36.75 -10.28
N ASN F 196 3.80 36.60 -9.28
CA ASN F 196 3.10 35.35 -8.99
C ASN F 196 1.61 35.65 -8.94
N ILE F 197 0.92 35.45 -10.06
CA ILE F 197 -0.50 35.75 -10.17
C ILE F 197 -1.23 34.52 -10.71
N ASP F 198 -2.42 34.27 -10.17
CA ASP F 198 -3.31 33.21 -10.65
C ASP F 198 -2.65 31.84 -10.62
N GLY F 199 -1.80 31.61 -9.62
CA GLY F 199 -1.08 30.37 -9.51
C GLY F 199 0.08 30.22 -10.47
N TYR F 200 0.31 31.19 -11.34
CA TYR F 200 1.41 31.16 -12.28
C TYR F 200 2.53 32.06 -11.76
N PHE F 201 3.77 31.62 -11.98
CA PHE F 201 4.96 32.39 -11.61
C PHE F 201 5.67 32.81 -12.89
N LYS F 202 5.61 34.10 -13.19
CA LYS F 202 6.08 34.65 -14.45
C LYS F 202 7.43 35.33 -14.26
N ILE F 203 8.32 35.17 -15.23
CA ILE F 203 9.67 35.71 -15.16
C ILE F 203 9.96 36.49 -16.43
N TYR F 204 10.59 37.66 -16.28
CA TYR F 204 11.06 38.46 -17.41
C TYR F 204 12.50 38.85 -17.13
N SER F 205 13.33 38.81 -18.17
CA SER F 205 14.76 38.96 -17.98
C SER F 205 15.39 39.72 -19.13
N LYS F 206 16.58 40.24 -18.89
CA LYS F 206 17.41 40.89 -19.90
C LYS F 206 18.85 41.01 -19.42
N SER F 221 15.28 49.13 -22.29
CA SER F 221 14.74 48.20 -21.31
C SER F 221 14.01 47.05 -22.00
N ALA F 222 12.69 47.04 -21.92
CA ALA F 222 11.86 46.06 -22.62
C ALA F 222 12.19 44.63 -22.22
N LEU F 223 11.94 44.27 -20.96
CA LEU F 223 12.26 42.93 -20.47
C LEU F 223 11.40 41.90 -21.20
N GLU F 224 12.05 41.07 -22.01
CA GLU F 224 11.34 40.02 -22.72
C GLU F 224 10.90 38.93 -21.74
N PRO F 225 9.77 38.27 -22.00
CA PRO F 225 9.33 37.20 -21.10
C PRO F 225 10.28 36.00 -21.17
N LEU F 226 10.79 35.61 -20.01
CA LEU F 226 11.68 34.45 -19.94
C LEU F 226 10.87 33.16 -19.93
N VAL F 227 10.06 32.96 -18.90
CA VAL F 227 9.23 31.77 -18.77
C VAL F 227 8.23 31.99 -17.65
N ASP F 228 7.06 31.38 -17.77
CA ASP F 228 6.08 31.35 -16.70
C ASP F 228 5.84 29.90 -16.28
N LEU F 229 5.60 29.70 -14.99
CA LEU F 229 5.60 28.37 -14.41
C LEU F 229 4.31 28.13 -13.64
N PRO F 230 3.64 27.00 -13.85
CA PRO F 230 2.42 26.70 -13.09
C PRO F 230 2.71 26.23 -11.68
N ILE F 231 3.37 27.06 -10.87
CA ILE F 231 3.77 26.66 -9.54
C ILE F 231 2.55 26.44 -8.64
N GLY F 232 1.64 27.41 -8.63
CA GLY F 232 0.40 27.30 -7.87
C GLY F 232 0.57 27.29 -6.36
N ILE F 233 1.45 28.15 -5.83
CA ILE F 233 1.62 28.30 -4.39
C ILE F 233 1.61 29.79 -4.06
N ASN F 234 1.35 30.08 -2.78
CA ASN F 234 1.41 31.45 -2.29
C ASN F 234 2.86 31.86 -2.06
N ILE F 235 3.19 33.12 -2.32
CA ILE F 235 4.55 33.60 -2.20
C ILE F 235 4.50 34.98 -1.56
N THR F 236 5.19 35.15 -0.43
CA THR F 236 5.14 36.39 0.33
C THR F 236 6.51 36.98 0.68
N ARG F 237 7.53 36.15 0.87
CA ARG F 237 8.84 36.61 1.28
C ARG F 237 9.90 35.87 0.45
N PHE F 238 11.06 36.51 0.27
CA PHE F 238 12.03 35.95 -0.66
C PHE F 238 13.46 36.30 -0.24
N GLN F 239 14.40 35.53 -0.77
CA GLN F 239 15.82 35.65 -0.43
C GLN F 239 16.65 35.30 -1.66
N THR F 240 17.79 35.96 -1.80
CA THR F 240 18.67 35.74 -2.95
C THR F 240 19.75 34.72 -2.62
N LEU F 241 19.82 33.67 -3.43
CA LEU F 241 20.80 32.61 -3.24
C LEU F 241 22.18 33.07 -3.71
N TYR F 262 22.92 43.68 -4.93
CA TYR F 262 21.87 43.63 -5.94
C TYR F 262 20.77 44.65 -5.64
N TYR F 263 20.04 45.05 -6.68
CA TYR F 263 18.95 46.01 -6.55
C TYR F 263 17.63 45.28 -6.46
N VAL F 264 16.79 45.69 -5.51
CA VAL F 264 15.48 45.09 -5.31
C VAL F 264 14.42 46.19 -5.28
N GLY F 265 13.46 46.12 -6.22
CA GLY F 265 12.32 47.00 -6.22
C GLY F 265 11.03 46.22 -6.11
N TYR F 266 9.93 46.96 -5.99
CA TYR F 266 8.61 46.39 -5.77
C TYR F 266 7.62 46.93 -6.79
N LEU F 267 6.76 46.05 -7.29
CA LEU F 267 5.84 46.38 -8.36
C LEU F 267 4.57 47.03 -7.80
N GLN F 268 3.98 47.90 -8.62
CA GLN F 268 2.82 48.69 -8.25
C GLN F 268 1.76 48.61 -9.34
N PRO F 269 0.48 48.49 -8.96
CA PRO F 269 -0.58 48.40 -9.97
C PRO F 269 -0.98 49.75 -10.55
N ARG F 270 -0.26 50.22 -11.57
CA ARG F 270 -0.53 51.53 -12.16
C ARG F 270 -0.66 51.40 -13.67
N THR F 271 -1.37 52.35 -14.27
CA THR F 271 -1.58 52.38 -15.71
C THR F 271 -0.33 52.87 -16.43
N PHE F 272 -0.04 52.25 -17.57
CA PHE F 272 1.14 52.57 -18.38
C PHE F 272 0.73 52.82 -19.81
N LEU F 273 1.59 53.53 -20.54
CA LEU F 273 1.47 53.72 -21.98
C LEU F 273 2.77 53.23 -22.62
N LEU F 274 2.64 52.36 -23.61
CA LEU F 274 3.79 51.64 -24.16
C LEU F 274 3.86 51.85 -25.67
N LYS F 275 5.01 52.30 -26.15
CA LYS F 275 5.20 52.59 -27.57
C LYS F 275 5.87 51.40 -28.23
N TYR F 276 5.09 50.62 -28.98
CA TYR F 276 5.65 49.55 -29.79
C TYR F 276 6.26 50.14 -31.06
N ASN F 277 7.26 49.43 -31.61
CA ASN F 277 8.20 50.01 -32.55
C ASN F 277 8.26 49.15 -33.83
N GLU F 278 7.09 48.87 -34.39
CA GLU F 278 6.87 48.27 -35.70
C GLU F 278 7.38 46.83 -35.80
N ASN F 279 8.05 46.33 -34.76
CA ASN F 279 8.38 44.92 -34.65
C ASN F 279 8.21 44.47 -33.21
N GLY F 280 7.12 44.89 -32.57
CA GLY F 280 6.98 44.73 -31.14
C GLY F 280 7.95 45.64 -30.43
N THR F 281 8.84 45.08 -29.62
CA THR F 281 9.98 45.80 -29.05
C THR F 281 9.57 47.11 -28.38
N ILE F 282 8.87 47.02 -27.25
CA ILE F 282 8.46 48.21 -26.51
C ILE F 282 9.67 49.11 -26.30
N THR F 283 9.62 50.31 -26.86
CA THR F 283 10.80 51.18 -26.87
C THR F 283 10.71 52.23 -25.76
N ASP F 284 9.61 52.96 -25.71
CA ASP F 284 9.42 54.02 -24.74
C ASP F 284 8.17 53.73 -23.92
N ALA F 285 8.13 54.31 -22.71
CA ALA F 285 7.01 54.09 -21.81
C ALA F 285 6.67 55.40 -21.13
N VAL F 286 5.41 55.51 -20.71
CA VAL F 286 4.91 56.72 -20.08
C VAL F 286 4.10 56.37 -18.84
N ASP F 287 4.51 56.89 -17.69
CA ASP F 287 3.71 56.76 -16.48
C ASP F 287 2.46 57.60 -16.59
#